data_5QAE
#
_entry.id   5QAE
#
_cell.length_a   90.302
_cell.length_b   109.463
_cell.length_c   125.187
_cell.angle_alpha   90.000
_cell.angle_beta   90.000
_cell.angle_gamma   90.000
#
_symmetry.space_group_name_H-M   'P 21 21 21'
#
loop_
_entity.id
_entity.type
_entity.pdbx_description
1 polymer Beta-lactamase
2 non-polymer '3-(3-fluorophenyl)benzoic acid'
3 non-polymer 'CHLORIDE ION'
4 non-polymer 1,2-ETHANEDIOL
5 water water
#
_entity_poly.entity_id   1
_entity_poly.type   'polypeptide(L)'
_entity_poly.pdbx_seq_one_letter_code
;KEWQENKSWNAHFTEHKSQGVVVLWNENKQQGFTNNLKRANQAFLPASTF(KCX)IPNSLIALDLGVVKDEHQVFKWDGQ
TRDIATWNRDHNLITAMKYSVVPVYQEFARQIGEARMSKMLHAFDYGNEDISGNVDSFWLDGGIRISATEQISFLRKLYH
NKLHVSERSQRIVKQAMLTEANGDYIIRAKTGYSTRIEPKIGWWVGWVELDDNVWFFAMNMDMPTSDGLGLRQAITKEVL
KQEKIIP
;
_entity_poly.pdbx_strand_id   A,B,C,D
#
loop_
_chem_comp.id
_chem_comp.type
_chem_comp.name
_chem_comp.formula
CL non-polymer 'CHLORIDE ION' 'Cl -1'
EDO non-polymer 1,2-ETHANEDIOL 'C2 H6 O2'
Q4G non-polymer '3-(3-fluorophenyl)benzoic acid' 'C13 H9 F O2'
#
# COMPACT_ATOMS: atom_id res chain seq x y z
N GLU A 2 29.66 -13.50 -43.03
CA GLU A 2 28.51 -13.48 -43.91
C GLU A 2 27.23 -13.08 -43.18
N TRP A 3 26.54 -12.10 -43.74
CA TRP A 3 25.32 -11.58 -43.17
C TRP A 3 24.30 -11.44 -44.28
N GLN A 4 23.05 -11.79 -43.99
CA GLN A 4 21.97 -11.67 -44.94
C GLN A 4 20.80 -10.93 -44.29
N GLU A 5 20.21 -10.00 -45.02
CA GLU A 5 19.09 -9.21 -44.53
C GLU A 5 17.79 -9.75 -45.09
N ASN A 6 16.85 -10.06 -44.21
CA ASN A 6 15.55 -10.64 -44.57
C ASN A 6 14.46 -9.70 -44.06
N LYS A 7 14.04 -8.76 -44.92
CA LYS A 7 13.06 -7.76 -44.49
C LYS A 7 11.66 -8.32 -44.37
N SER A 8 11.42 -9.57 -44.78
CA SER A 8 10.10 -10.16 -44.62
C SER A 8 9.74 -10.31 -43.15
N TRP A 9 10.74 -10.43 -42.28
CA TRP A 9 10.47 -10.51 -40.85
C TRP A 9 9.84 -9.24 -40.31
N ASN A 10 9.98 -8.11 -41.02
CA ASN A 10 9.38 -6.87 -40.55
C ASN A 10 7.88 -7.01 -40.35
N ALA A 11 7.25 -7.94 -41.08
CA ALA A 11 5.81 -8.17 -40.90
C ALA A 11 5.49 -8.56 -39.46
N HIS A 12 6.39 -9.31 -38.81
CA HIS A 12 6.14 -9.70 -37.42
C HIS A 12 6.09 -8.50 -36.49
N PHE A 13 6.81 -7.44 -36.80
CA PHE A 13 6.75 -6.23 -35.98
C PHE A 13 5.59 -5.32 -36.38
N THR A 14 5.38 -5.11 -37.68
CA THR A 14 4.32 -4.20 -38.12
C THR A 14 2.94 -4.76 -37.82
N GLU A 15 2.79 -6.08 -37.83
CA GLU A 15 1.48 -6.67 -37.56
C GLU A 15 1.04 -6.36 -36.14
N HIS A 16 1.99 -6.13 -35.23
CA HIS A 16 1.71 -5.64 -33.89
C HIS A 16 1.97 -4.14 -33.79
N LYS A 17 2.02 -3.45 -34.93
CA LYS A 17 2.18 -1.99 -34.99
C LYS A 17 3.35 -1.53 -34.13
N SER A 18 4.46 -2.25 -34.22
CA SER A 18 5.69 -1.90 -33.54
C SER A 18 6.84 -1.92 -34.55
N GLN A 19 8.05 -1.64 -34.04
CA GLN A 19 9.25 -1.61 -34.85
C GLN A 19 10.38 -2.23 -34.03
N GLY A 20 11.24 -3.00 -34.69
CA GLY A 20 12.35 -3.60 -33.99
C GLY A 20 13.23 -4.40 -34.92
N VAL A 21 14.18 -5.13 -34.32
CA VAL A 21 15.15 -5.93 -35.05
C VAL A 21 15.31 -7.28 -34.35
N VAL A 22 15.46 -8.33 -35.14
CA VAL A 22 15.88 -9.65 -34.68
C VAL A 22 17.18 -10.00 -35.37
N VAL A 23 18.15 -10.49 -34.60
CA VAL A 23 19.42 -10.95 -35.15
C VAL A 23 19.59 -12.42 -34.77
N LEU A 24 19.85 -13.26 -35.77
CA LEU A 24 20.09 -14.69 -35.57
C LEU A 24 21.50 -15.04 -36.01
N TRP A 25 22.13 -15.97 -35.29
CA TRP A 25 23.46 -16.47 -35.64
C TRP A 25 23.45 -17.99 -35.59
N ASN A 26 23.77 -18.63 -36.72
CA ASN A 26 23.89 -20.08 -36.82
C ASN A 26 25.33 -20.46 -36.48
N GLU A 27 25.52 -21.13 -35.34
CA GLU A 27 26.88 -21.39 -34.88
C GLU A 27 27.59 -22.37 -35.81
N ASN A 28 26.92 -23.44 -36.23
CA ASN A 28 27.54 -24.43 -37.10
C ASN A 28 28.01 -23.78 -38.40
N LYS A 29 27.15 -22.96 -39.01
CA LYS A 29 27.47 -22.42 -40.32
C LYS A 29 28.19 -21.06 -40.25
N GLN A 30 28.28 -20.47 -39.06
CA GLN A 30 28.93 -19.17 -38.89
C GLN A 30 28.31 -18.13 -39.84
N GLN A 31 26.99 -18.04 -39.79
CA GLN A 31 26.22 -17.16 -40.65
C GLN A 31 25.22 -16.41 -39.79
N GLY A 32 24.99 -15.14 -40.13
CA GLY A 32 24.06 -14.30 -39.40
C GLY A 32 22.87 -13.87 -40.24
N PHE A 33 21.78 -13.53 -39.58
CA PHE A 33 20.54 -13.14 -40.26
C PHE A 33 19.85 -12.05 -39.45
N THR A 34 19.33 -11.04 -40.14
CA THR A 34 18.60 -9.97 -39.46
C THR A 34 17.63 -9.33 -40.44
N ASN A 35 16.58 -8.72 -39.89
CA ASN A 35 15.63 -7.97 -40.70
C ASN A 35 16.05 -6.53 -40.94
N ASN A 36 17.10 -6.05 -40.26
CA ASN A 36 17.44 -4.63 -40.32
C ASN A 36 18.92 -4.49 -39.93
N LEU A 37 19.79 -4.51 -40.94
CA LEU A 37 21.21 -4.41 -40.67
C LEU A 37 21.55 -3.15 -39.90
N LYS A 38 20.87 -2.04 -40.20
CA LYS A 38 21.16 -0.78 -39.51
C LYS A 38 20.83 -0.89 -38.03
N ARG A 39 19.58 -1.25 -37.71
CA ARG A 39 19.19 -1.30 -36.31
C ARG A 39 19.93 -2.41 -35.56
N ALA A 40 20.38 -3.45 -36.26
CA ALA A 40 21.18 -4.49 -35.63
C ALA A 40 22.48 -3.94 -35.06
N ASN A 41 22.97 -2.82 -35.57
CA ASN A 41 24.22 -2.22 -35.11
C ASN A 41 24.03 -0.91 -34.36
N GLN A 42 22.79 -0.52 -34.09
CA GLN A 42 22.53 0.67 -33.27
C GLN A 42 22.60 0.30 -31.79
N ALA A 43 23.22 1.18 -31.01
CA ALA A 43 23.55 0.89 -29.61
C ALA A 43 22.50 1.45 -28.65
N PHE A 44 21.99 0.59 -27.78
CA PHE A 44 20.99 0.97 -26.80
C PHE A 44 21.49 0.67 -25.39
N LEU A 45 20.80 1.23 -24.39
CA LEU A 45 21.00 0.79 -23.03
C LEU A 45 20.74 -0.69 -22.90
N PRO A 46 21.59 -1.44 -22.19
CA PRO A 46 21.33 -2.88 -22.04
C PRO A 46 20.23 -3.20 -21.03
N ALA A 47 19.95 -2.30 -20.09
CA ALA A 47 18.97 -2.49 -19.02
C ALA A 47 19.19 -3.88 -18.41
N SER A 48 18.14 -4.66 -18.16
CA SER A 48 18.29 -5.90 -17.38
C SER A 48 19.02 -6.99 -18.14
N THR A 49 19.35 -6.82 -19.42
CA THR A 49 20.26 -7.78 -20.03
C THR A 49 21.64 -7.69 -19.42
N PHE A 50 21.93 -6.58 -18.74
CA PHE A 50 23.21 -6.40 -18.06
C PHE A 50 23.38 -7.33 -16.87
N KCX A 51 22.30 -7.96 -16.44
CA KCX A 51 22.39 -8.89 -15.32
CB KCX A 51 20.98 -9.30 -14.86
CG KCX A 51 20.23 -8.15 -14.19
CD KCX A 51 18.91 -8.55 -13.58
CE KCX A 51 18.30 -7.41 -12.78
NZ KCX A 51 17.91 -6.24 -13.61
C KCX A 51 23.24 -10.12 -15.67
O KCX A 51 23.70 -10.83 -14.78
CX KCX A 51 18.64 -5.12 -13.63
OQ1 KCX A 51 18.28 -4.17 -14.35
OQ2 KCX A 51 19.67 -5.04 -12.94
H KCX A 51 21.51 -7.88 -16.77
HA KCX A 51 22.83 -8.43 -14.56
HB2 KCX A 51 21.06 -10.02 -14.21
HG2 KCX A 51 20.78 -7.77 -13.49
HD2 KCX A 51 18.29 -8.79 -14.29
HE2 KCX A 51 17.50 -7.73 -12.33
N ILE A 52 23.47 -10.34 -16.96
CA ILE A 52 24.34 -11.45 -17.36
C ILE A 52 25.78 -11.10 -16.99
N PRO A 53 26.34 -10.03 -17.56
CA PRO A 53 27.71 -9.67 -17.17
C PRO A 53 27.84 -9.33 -15.70
N ASN A 54 26.83 -8.66 -15.13
CA ASN A 54 26.87 -8.32 -13.70
C ASN A 54 26.95 -9.57 -12.83
N SER A 55 26.14 -10.59 -13.15
CA SER A 55 26.20 -11.85 -12.39
C SER A 55 27.58 -12.49 -12.51
N LEU A 56 28.13 -12.52 -13.72
CA LEU A 56 29.45 -13.13 -13.93
C LEU A 56 30.50 -12.46 -13.06
N ILE A 57 30.53 -11.12 -13.08
CA ILE A 57 31.55 -10.40 -12.33
C ILE A 57 31.37 -10.62 -10.83
N ALA A 58 30.13 -10.58 -10.35
CA ALA A 58 29.89 -10.77 -8.93
C ALA A 58 30.34 -12.16 -8.47
N LEU A 59 30.10 -13.18 -9.29
CA LEU A 59 30.54 -14.52 -8.94
C LEU A 59 32.06 -14.63 -8.95
N ASP A 60 32.70 -14.08 -9.98
CA ASP A 60 34.14 -14.27 -10.12
C ASP A 60 34.92 -13.51 -9.05
N LEU A 61 34.36 -12.42 -8.53
CA LEU A 61 35.03 -11.67 -7.48
C LEU A 61 34.66 -12.16 -6.08
N GLY A 62 33.72 -13.09 -5.97
CA GLY A 62 33.30 -13.57 -4.67
C GLY A 62 32.22 -12.75 -4.02
N VAL A 63 31.73 -11.70 -4.69
CA VAL A 63 30.61 -10.94 -4.16
C VAL A 63 29.39 -11.84 -3.98
N VAL A 64 29.21 -12.80 -4.88
CA VAL A 64 28.20 -13.84 -4.75
C VAL A 64 28.92 -15.17 -4.63
N LYS A 65 28.59 -15.92 -3.58
CA LYS A 65 29.28 -17.18 -3.31
C LYS A 65 28.85 -18.28 -4.28
N ASP A 66 27.54 -18.44 -4.49
CA ASP A 66 27.01 -19.46 -5.39
C ASP A 66 25.55 -19.13 -5.64
N GLU A 67 24.89 -20.01 -6.39
CA GLU A 67 23.51 -19.75 -6.80
C GLU A 67 22.51 -20.01 -5.68
N HIS A 68 22.97 -20.44 -4.50
CA HIS A 68 22.08 -20.65 -3.37
C HIS A 68 22.10 -19.52 -2.35
N GLN A 69 23.12 -18.66 -2.39
CA GLN A 69 23.22 -17.57 -1.43
C GLN A 69 21.96 -16.72 -1.47
N VAL A 70 21.42 -16.44 -0.29
CA VAL A 70 20.18 -15.68 -0.16
C VAL A 70 20.51 -14.21 0.00
N PHE A 71 19.87 -13.36 -0.81
CA PHE A 71 19.96 -11.92 -0.68
C PHE A 71 18.66 -11.44 -0.05
N LYS A 72 18.73 -11.05 1.22
CA LYS A 72 17.53 -10.73 1.98
C LYS A 72 16.91 -9.43 1.48
N TRP A 73 15.59 -9.41 1.37
CA TRP A 73 14.85 -8.19 1.09
C TRP A 73 15.22 -7.11 2.12
N ASP A 74 15.46 -5.90 1.62
CA ASP A 74 15.85 -4.79 2.48
C ASP A 74 14.68 -4.17 3.23
N GLY A 75 13.48 -4.67 3.05
CA GLY A 75 12.34 -4.20 3.80
C GLY A 75 11.65 -2.99 3.21
N GLN A 76 12.12 -2.48 2.07
CA GLN A 76 11.49 -1.36 1.40
C GLN A 76 10.48 -1.89 0.40
N THR A 77 9.22 -1.55 0.61
CA THR A 77 8.15 -1.97 -0.30
C THR A 77 8.32 -1.28 -1.65
N ARG A 78 8.51 -2.06 -2.70
CA ARG A 78 8.58 -1.55 -4.06
C ARG A 78 7.36 -1.99 -4.85
N ASP A 79 7.18 -1.38 -6.03
CA ASP A 79 5.95 -1.56 -6.81
C ASP A 79 5.92 -2.87 -7.58
N ILE A 80 6.98 -3.66 -7.55
CA ILE A 80 7.01 -4.97 -8.18
C ILE A 80 6.92 -5.99 -7.05
N ALA A 81 5.77 -6.66 -6.95
CA ALA A 81 5.51 -7.52 -5.80
C ALA A 81 6.62 -8.58 -5.62
N THR A 82 7.04 -9.22 -6.71
CA THR A 82 8.04 -10.27 -6.61
C THR A 82 9.38 -9.77 -6.10
N TRP A 83 9.61 -8.46 -6.09
CA TRP A 83 10.84 -7.91 -5.56
C TRP A 83 10.84 -7.81 -4.04
N ASN A 84 9.67 -7.84 -3.40
CA ASN A 84 9.57 -7.65 -1.95
C ASN A 84 9.66 -8.98 -1.22
N ARG A 85 10.75 -9.68 -1.48
CA ARG A 85 10.97 -11.00 -0.88
C ARG A 85 12.46 -11.32 -1.04
N ASP A 86 12.88 -12.38 -0.36
CA ASP A 86 14.25 -12.86 -0.46
C ASP A 86 14.49 -13.49 -1.83
N HIS A 87 15.73 -13.44 -2.28
CA HIS A 87 16.09 -13.99 -3.57
C HIS A 87 17.44 -14.67 -3.50
N ASN A 88 17.66 -15.58 -4.43
CA ASN A 88 18.99 -16.04 -4.76
C ASN A 88 19.28 -15.64 -6.20
N LEU A 89 20.42 -16.07 -6.73
CA LEU A 89 20.81 -15.68 -8.07
C LEU A 89 19.79 -16.15 -9.10
N ILE A 90 19.26 -17.36 -8.92
CA ILE A 90 18.30 -17.92 -9.87
C ILE A 90 17.04 -17.07 -9.92
N THR A 91 16.43 -16.81 -8.76
CA THR A 91 15.18 -16.07 -8.75
C THR A 91 15.42 -14.59 -9.05
N ALA A 92 16.56 -14.05 -8.63
CA ALA A 92 16.86 -12.64 -8.90
C ALA A 92 16.92 -12.37 -10.40
N MET A 93 17.47 -13.31 -11.18
CA MET A 93 17.44 -13.11 -12.63
C MET A 93 16.10 -13.47 -13.24
N LYS A 94 15.43 -14.49 -12.73
CA LYS A 94 14.11 -14.83 -13.24
C LYS A 94 13.15 -13.63 -13.15
N TYR A 95 13.14 -12.93 -12.03
CA TYR A 95 12.24 -11.79 -11.81
C TYR A 95 12.91 -10.43 -12.01
N SER A 96 14.09 -10.39 -12.63
CA SER A 96 14.80 -9.15 -12.95
C SER A 96 14.82 -8.19 -11.76
N VAL A 97 15.40 -8.68 -10.66
CA VAL A 97 15.29 -7.96 -9.39
C VAL A 97 16.37 -6.89 -9.34
N VAL A 98 16.04 -5.71 -9.87
CA VAL A 98 17.01 -4.62 -9.96
C VAL A 98 17.67 -4.34 -8.61
N PRO A 99 16.94 -4.19 -7.50
CA PRO A 99 17.61 -3.81 -6.26
C PRO A 99 18.72 -4.77 -5.83
N VAL A 100 18.58 -6.06 -6.11
CA VAL A 100 19.63 -7.02 -5.77
C VAL A 100 20.89 -6.74 -6.57
N TYR A 101 20.73 -6.48 -7.87
CA TYR A 101 21.89 -6.25 -8.73
C TYR A 101 22.51 -4.88 -8.51
N GLN A 102 21.74 -3.90 -8.04
CA GLN A 102 22.35 -2.63 -7.67
C GLN A 102 23.34 -2.82 -6.53
N GLU A 103 22.99 -3.66 -5.55
CA GLU A 103 23.92 -3.92 -4.46
C GLU A 103 25.15 -4.68 -4.95
N PHE A 104 24.96 -5.65 -5.86
CA PHE A 104 26.12 -6.28 -6.49
C PHE A 104 27.10 -5.24 -7.02
N ALA A 105 26.59 -4.28 -7.79
CA ALA A 105 27.45 -3.31 -8.47
C ALA A 105 28.19 -2.43 -7.45
N ARG A 106 27.51 -2.02 -6.38
CA ARG A 106 28.18 -1.24 -5.35
C ARG A 106 29.33 -2.01 -4.73
N GLN A 107 29.14 -3.31 -4.48
CA GLN A 107 30.22 -4.09 -3.89
C GLN A 107 31.31 -4.38 -4.91
N ILE A 108 30.94 -4.53 -6.18
CA ILE A 108 31.95 -4.66 -7.23
C ILE A 108 32.80 -3.39 -7.28
N GLY A 109 32.14 -2.24 -7.35
CA GLY A 109 32.82 -0.97 -7.42
C GLY A 109 33.15 -0.57 -8.85
N GLU A 110 33.34 0.74 -9.03
CA GLU A 110 33.55 1.30 -10.36
C GLU A 110 34.80 0.74 -11.03
N ALA A 111 35.91 0.69 -10.31
CA ALA A 111 37.18 0.31 -10.93
C ALA A 111 37.12 -1.12 -11.46
N ARG A 112 36.69 -2.07 -10.63
CA ARG A 112 36.68 -3.46 -11.06
C ARG A 112 35.63 -3.70 -12.13
N MET A 113 34.47 -3.03 -12.03
CA MET A 113 33.45 -3.14 -13.06
C MET A 113 33.99 -2.69 -14.42
N SER A 114 34.63 -1.53 -14.45
CA SER A 114 35.17 -1.02 -15.71
C SER A 114 36.21 -1.98 -16.27
N LYS A 115 37.13 -2.44 -15.42
CA LYS A 115 38.16 -3.36 -15.86
C LYS A 115 37.54 -4.62 -16.48
N MET A 116 36.49 -5.15 -15.86
CA MET A 116 35.91 -6.41 -16.32
C MET A 116 35.14 -6.23 -17.62
N LEU A 117 34.42 -5.12 -17.77
CA LEU A 117 33.68 -4.89 -19.00
C LEU A 117 34.62 -4.71 -20.19
N HIS A 118 35.80 -4.14 -19.96
CA HIS A 118 36.80 -4.07 -21.03
C HIS A 118 37.32 -5.47 -21.36
N ALA A 119 37.59 -6.28 -20.34
CA ALA A 119 38.03 -7.66 -20.58
C ALA A 119 36.98 -8.46 -21.34
N PHE A 120 35.69 -8.19 -21.11
CA PHE A 120 34.60 -8.84 -21.84
C PHE A 120 34.38 -8.24 -23.23
N ASP A 121 34.98 -7.10 -23.53
CA ASP A 121 34.71 -6.40 -24.79
C ASP A 121 33.22 -6.08 -24.92
N TYR A 122 32.59 -5.71 -23.79
CA TYR A 122 31.14 -5.61 -23.70
C TYR A 122 30.68 -4.22 -24.12
N GLY A 123 29.97 -4.14 -25.24
CA GLY A 123 29.39 -2.88 -25.67
C GLY A 123 30.47 -1.83 -25.81
N ASN A 124 30.12 -0.59 -25.45
CA ASN A 124 31.10 0.48 -25.46
C ASN A 124 31.94 0.54 -24.18
N GLU A 125 31.74 -0.41 -23.27
CA GLU A 125 32.61 -0.61 -22.11
C GLU A 125 32.63 0.60 -21.19
N ASP A 126 31.59 1.42 -21.24
CA ASP A 126 31.56 2.72 -20.57
C ASP A 126 30.57 2.66 -19.41
N ILE A 127 31.07 2.79 -18.19
CA ILE A 127 30.23 2.76 -17.01
C ILE A 127 29.92 4.17 -16.50
N SER A 128 30.10 5.19 -17.35
CA SER A 128 29.81 6.55 -16.93
C SER A 128 28.39 6.63 -16.38
N GLY A 129 28.25 7.33 -15.27
CA GLY A 129 27.00 7.43 -14.55
C GLY A 129 27.16 6.96 -13.12
N ASN A 130 26.05 6.67 -12.46
CA ASN A 130 26.10 6.13 -11.10
C ASN A 130 26.41 4.64 -11.13
N VAL A 131 27.29 4.21 -10.23
CA VAL A 131 27.73 2.83 -10.25
C VAL A 131 26.58 1.87 -10.02
N ASP A 132 25.50 2.31 -9.37
CA ASP A 132 24.38 1.44 -9.08
C ASP A 132 23.23 1.61 -10.06
N SER A 133 23.44 2.30 -11.18
CA SER A 133 22.35 2.46 -12.14
C SER A 133 22.83 2.75 -13.55
N PHE A 134 24.13 2.65 -13.81
CA PHE A 134 24.64 3.10 -15.10
C PHE A 134 24.03 2.30 -16.26
N TRP A 135 23.64 1.04 -16.02
CA TRP A 135 23.01 0.23 -17.06
C TRP A 135 21.54 0.59 -17.27
N LEU A 136 21.00 1.48 -16.44
CA LEU A 136 19.62 1.95 -16.59
C LEU A 136 19.51 3.37 -17.12
N ASP A 137 20.46 4.26 -16.76
CA ASP A 137 20.41 5.63 -17.23
C ASP A 137 21.79 6.26 -17.34
N GLY A 138 22.84 5.47 -17.42
CA GLY A 138 24.18 5.95 -17.60
C GLY A 138 24.58 5.92 -19.06
N GLY A 139 25.88 5.79 -19.30
CA GLY A 139 26.44 5.89 -20.62
C GLY A 139 26.70 4.60 -21.35
N ILE A 140 26.48 3.45 -20.73
CA ILE A 140 26.79 2.18 -21.37
C ILE A 140 25.79 1.91 -22.48
N ARG A 141 26.28 1.32 -23.56
CA ARG A 141 25.46 1.02 -24.73
C ARG A 141 25.94 -0.29 -25.34
N ILE A 142 25.03 -1.01 -25.98
CA ILE A 142 25.36 -2.25 -26.65
C ILE A 142 24.36 -2.47 -27.78
N SER A 143 24.84 -3.01 -28.89
CA SER A 143 24.01 -3.36 -30.03
C SER A 143 23.58 -4.82 -29.96
N ALA A 144 22.58 -5.17 -30.77
CA ALA A 144 22.14 -6.56 -30.86
C ALA A 144 23.26 -7.47 -31.36
N THR A 145 24.02 -7.02 -32.37
CA THR A 145 25.12 -7.84 -32.85
C THR A 145 26.20 -7.98 -31.78
N GLU A 146 26.42 -6.93 -30.99
CA GLU A 146 27.40 -7.03 -29.90
C GLU A 146 26.90 -7.96 -28.79
N GLN A 147 25.59 -8.01 -28.55
CA GLN A 147 25.06 -8.97 -27.60
C GLN A 147 25.39 -10.40 -28.04
N ILE A 148 25.18 -10.70 -29.31
CA ILE A 148 25.47 -12.05 -29.82
C ILE A 148 26.95 -12.37 -29.64
N SER A 149 27.82 -11.43 -29.99
CA SER A 149 29.26 -11.66 -29.82
C SER A 149 29.59 -12.01 -28.37
N PHE A 150 28.99 -11.29 -27.42
CA PHE A 150 29.24 -11.56 -26.01
C PHE A 150 28.68 -12.92 -25.61
N LEU A 151 27.45 -13.23 -26.03
CA LEU A 151 26.82 -14.49 -25.64
C LEU A 151 27.56 -15.69 -26.21
N ARG A 152 28.14 -15.57 -27.41
CA ARG A 152 28.90 -16.67 -27.99
C ARG A 152 30.12 -16.99 -27.14
N LYS A 153 30.80 -15.95 -26.64
CA LYS A 153 31.92 -16.18 -25.74
C LYS A 153 31.46 -16.92 -24.49
N LEU A 154 30.35 -16.48 -23.91
CA LEU A 154 29.81 -17.13 -22.72
C LEU A 154 29.51 -18.60 -22.99
N TYR A 155 28.83 -18.88 -24.11
CA TYR A 155 28.49 -20.26 -24.43
C TYR A 155 29.72 -21.15 -24.48
N HIS A 156 30.83 -20.66 -25.03
CA HIS A 156 32.04 -21.44 -25.19
C HIS A 156 33.00 -21.33 -24.01
N ASN A 157 32.56 -20.72 -22.90
CA ASN A 157 33.39 -20.55 -21.70
C ASN A 157 34.66 -19.77 -21.98
N LYS A 158 34.60 -18.82 -22.93
CA LYS A 158 35.78 -18.11 -23.37
C LYS A 158 35.93 -16.72 -22.73
N LEU A 159 34.95 -16.27 -21.96
CA LEU A 159 35.09 -15.01 -21.24
C LEU A 159 36.17 -15.13 -20.18
N HIS A 160 36.73 -13.98 -19.80
CA HIS A 160 37.87 -13.93 -18.89
C HIS A 160 37.41 -13.99 -17.43
N VAL A 161 36.60 -15.01 -17.13
CA VAL A 161 36.29 -15.40 -15.76
C VAL A 161 36.34 -16.93 -15.72
N SER A 162 36.24 -17.48 -14.50
CA SER A 162 36.41 -18.93 -14.35
C SER A 162 35.29 -19.68 -15.07
N GLU A 163 35.59 -20.93 -15.42
CA GLU A 163 34.56 -21.79 -16.00
C GLU A 163 33.35 -21.89 -15.07
N ARG A 164 33.60 -22.02 -13.76
CA ARG A 164 32.50 -22.14 -12.81
C ARG A 164 31.54 -20.96 -12.91
N SER A 165 32.07 -19.73 -12.92
CA SER A 165 31.21 -18.56 -13.00
C SER A 165 30.32 -18.61 -14.24
N GLN A 166 30.89 -19.02 -15.38
CA GLN A 166 30.12 -19.05 -16.60
C GLN A 166 29.05 -20.15 -16.57
N ARG A 167 29.38 -21.33 -16.01
CA ARG A 167 28.37 -22.37 -15.90
C ARG A 167 27.22 -21.94 -15.00
N ILE A 168 27.53 -21.25 -13.90
CA ILE A 168 26.47 -20.84 -12.98
C ILE A 168 25.55 -19.83 -13.65
N VAL A 169 26.11 -18.86 -14.38
CA VAL A 169 25.27 -17.85 -15.00
C VAL A 169 24.42 -18.46 -16.10
N LYS A 170 24.99 -19.42 -16.87
CA LYS A 170 24.20 -20.11 -17.89
C LYS A 170 23.06 -20.91 -17.27
N GLN A 171 23.28 -21.49 -16.09
CA GLN A 171 22.19 -22.11 -15.36
C GLN A 171 21.12 -21.08 -15.02
N ALA A 172 21.55 -19.93 -14.50
CA ALA A 172 20.58 -18.91 -14.11
C ALA A 172 19.83 -18.34 -15.31
N MET A 173 20.36 -18.48 -16.52
CA MET A 173 19.68 -18.00 -17.71
C MET A 173 18.60 -18.96 -18.22
N LEU A 174 18.51 -20.16 -17.66
CA LEU A 174 17.56 -21.14 -18.16
C LEU A 174 16.15 -20.56 -18.13
N THR A 175 15.50 -20.57 -19.28
CA THR A 175 14.17 -20.00 -19.48
C THR A 175 13.14 -21.03 -19.90
N GLU A 176 13.50 -21.96 -20.78
CA GLU A 176 12.55 -22.93 -21.27
C GLU A 176 13.30 -24.18 -21.70
N ALA A 177 12.69 -25.34 -21.46
CA ALA A 177 13.28 -26.60 -21.91
C ALA A 177 12.18 -27.61 -22.13
N ASN A 178 12.25 -28.31 -23.25
CA ASN A 178 11.32 -29.37 -23.57
C ASN A 178 12.06 -30.38 -24.44
N GLY A 179 11.33 -31.36 -24.97
CA GLY A 179 11.97 -32.38 -25.77
C GLY A 179 12.57 -31.88 -27.06
N ASP A 180 12.24 -30.66 -27.48
CA ASP A 180 12.70 -30.16 -28.77
C ASP A 180 13.83 -29.15 -28.66
N TYR A 181 13.88 -28.34 -27.61
CA TYR A 181 14.90 -27.31 -27.53
C TYR A 181 15.05 -26.83 -26.09
N ILE A 182 16.16 -26.14 -25.85
CA ILE A 182 16.42 -25.41 -24.62
C ILE A 182 16.69 -23.96 -24.99
N ILE A 183 16.10 -23.04 -24.23
CA ILE A 183 16.37 -21.61 -24.37
C ILE A 183 17.00 -21.11 -23.09
N ARG A 184 18.18 -20.48 -23.23
CA ARG A 184 18.80 -19.72 -22.17
C ARG A 184 18.88 -18.27 -22.64
N ALA A 185 18.36 -17.35 -21.82
CA ALA A 185 18.13 -15.99 -22.29
C ALA A 185 17.89 -15.07 -21.11
N LYS A 186 17.84 -13.77 -21.41
CA LYS A 186 17.52 -12.74 -20.43
C LYS A 186 16.75 -11.62 -21.13
N THR A 187 15.67 -11.18 -20.51
CA THR A 187 14.87 -10.07 -21.02
C THR A 187 15.44 -8.73 -20.54
N GLY A 188 15.03 -7.67 -21.23
CA GLY A 188 15.39 -6.31 -20.83
C GLY A 188 14.27 -5.34 -21.12
N TYR A 189 14.21 -4.28 -20.32
CA TYR A 189 13.17 -3.26 -20.45
C TYR A 189 13.77 -1.92 -20.09
N SER A 190 14.02 -1.07 -21.08
CA SER A 190 14.71 0.20 -20.89
C SER A 190 13.75 1.36 -21.11
N THR A 191 13.52 2.16 -20.05
CA THR A 191 12.57 3.26 -20.12
C THR A 191 13.13 4.64 -19.77
N ARG A 192 14.28 4.72 -19.12
CA ARG A 192 14.76 6.00 -18.60
C ARG A 192 15.40 6.89 -19.67
N ILE A 193 15.80 6.33 -20.80
CA ILE A 193 16.39 7.13 -21.88
C ILE A 193 15.69 6.73 -23.18
N GLU A 194 15.31 7.74 -23.96
CA GLU A 194 14.63 7.46 -25.22
C GLU A 194 15.62 6.88 -26.23
N PRO A 195 15.15 5.98 -27.11
CA PRO A 195 13.78 5.45 -27.18
C PRO A 195 13.56 4.33 -26.18
N LYS A 196 12.36 4.21 -25.64
CA LYS A 196 12.04 3.11 -24.74
C LYS A 196 11.95 1.81 -25.52
N ILE A 197 12.66 0.76 -25.08
CA ILE A 197 12.75 -0.48 -25.82
C ILE A 197 12.69 -1.67 -24.86
N GLY A 198 12.40 -2.83 -25.45
CA GLY A 198 12.56 -4.09 -24.75
C GLY A 198 13.60 -4.94 -25.46
N TRP A 199 14.30 -5.76 -24.67
CA TRP A 199 15.31 -6.68 -25.18
C TRP A 199 14.89 -8.12 -24.93
N TRP A 200 15.40 -9.02 -25.77
CA TRP A 200 15.47 -10.43 -25.41
C TRP A 200 16.70 -11.01 -26.11
N VAL A 201 17.65 -11.51 -25.34
CA VAL A 201 18.90 -12.03 -25.88
C VAL A 201 19.19 -13.39 -25.26
N GLY A 202 19.74 -14.29 -26.07
CA GLY A 202 20.08 -15.62 -25.59
C GLY A 202 20.42 -16.55 -26.73
N TRP A 203 20.12 -17.83 -26.52
CA TRP A 203 20.36 -18.81 -27.58
C TRP A 203 19.42 -19.99 -27.42
N VAL A 204 19.32 -20.75 -28.51
CA VAL A 204 18.47 -21.93 -28.61
C VAL A 204 19.39 -23.13 -28.81
N GLU A 205 19.30 -24.10 -27.90
CA GLU A 205 20.10 -25.32 -28.00
C GLU A 205 19.28 -26.39 -28.69
N LEU A 206 19.82 -26.93 -29.79
CA LEU A 206 19.27 -28.09 -30.46
C LEU A 206 20.21 -29.27 -30.28
N ASP A 207 19.78 -30.44 -30.76
CA ASP A 207 20.62 -31.63 -30.64
C ASP A 207 22.00 -31.40 -31.23
N ASP A 208 22.07 -30.78 -32.42
CA ASP A 208 23.31 -30.72 -33.19
C ASP A 208 23.68 -29.31 -33.65
N ASN A 209 23.14 -28.27 -33.02
CA ASN A 209 23.50 -26.89 -33.38
C ASN A 209 23.01 -25.96 -32.28
N VAL A 210 23.47 -24.71 -32.36
CA VAL A 210 23.03 -23.64 -31.46
C VAL A 210 22.72 -22.42 -32.30
N TRP A 211 21.59 -21.78 -32.04
CA TRP A 211 21.18 -20.54 -32.67
C TRP A 211 21.16 -19.44 -31.61
N PHE A 212 22.06 -18.47 -31.74
CA PHE A 212 22.05 -17.30 -30.89
C PHE A 212 21.06 -16.28 -31.43
N PHE A 213 20.46 -15.51 -30.51
CA PHE A 213 19.51 -14.51 -30.93
C PHE A 213 19.63 -13.26 -30.05
N ALA A 214 19.33 -12.11 -30.66
CA ALA A 214 19.27 -10.85 -29.93
C ALA A 214 18.24 -9.97 -30.63
N MET A 215 17.25 -9.53 -29.88
CA MET A 215 16.18 -8.70 -30.40
C MET A 215 15.99 -7.50 -29.50
N ASN A 216 15.63 -6.38 -30.11
CA ASN A 216 15.08 -5.25 -29.38
C ASN A 216 13.97 -4.62 -30.21
N MET A 217 13.06 -3.94 -29.53
CA MET A 217 11.86 -3.42 -30.16
C MET A 217 11.37 -2.22 -29.37
N ASP A 218 10.65 -1.33 -30.07
CA ASP A 218 10.05 -0.18 -29.41
C ASP A 218 9.04 -0.62 -28.37
N MET A 219 9.07 0.03 -27.21
CA MET A 219 8.22 -0.32 -26.07
C MET A 219 7.67 0.94 -25.45
N PRO A 220 6.71 1.59 -26.11
CA PRO A 220 6.15 2.82 -25.55
C PRO A 220 5.41 2.60 -24.24
N THR A 221 4.88 1.40 -24.01
CA THR A 221 4.16 1.06 -22.79
C THR A 221 4.53 -0.36 -22.39
N SER A 222 4.38 -0.66 -21.10
CA SER A 222 4.64 -2.00 -20.61
C SER A 222 3.65 -3.02 -21.14
N ASP A 223 2.60 -2.58 -21.85
CA ASP A 223 1.57 -3.52 -22.31
C ASP A 223 2.08 -4.48 -23.37
N GLY A 224 3.18 -4.15 -24.05
CA GLY A 224 3.72 -4.96 -25.11
C GLY A 224 4.91 -5.82 -24.73
N LEU A 225 5.21 -5.98 -23.44
CA LEU A 225 6.41 -6.69 -23.05
C LEU A 225 6.40 -8.15 -23.50
N GLY A 226 5.22 -8.78 -23.53
CA GLY A 226 5.12 -10.15 -23.98
C GLY A 226 5.50 -10.33 -25.45
N LEU A 227 5.58 -9.26 -26.21
CA LEU A 227 5.95 -9.36 -27.62
C LEU A 227 7.44 -9.64 -27.81
N ARG A 228 8.27 -9.31 -26.82
CA ARG A 228 9.69 -9.60 -26.94
C ARG A 228 9.91 -11.08 -27.22
N GLN A 229 9.29 -11.95 -26.43
CA GLN A 229 9.44 -13.37 -26.65
C GLN A 229 8.55 -13.84 -27.80
N ALA A 230 7.34 -13.30 -27.88
CA ALA A 230 6.38 -13.77 -28.88
C ALA A 230 6.90 -13.53 -30.29
N ILE A 231 7.43 -12.34 -30.55
CA ILE A 231 7.93 -12.02 -31.88
C ILE A 231 9.15 -12.88 -32.20
N THR A 232 10.08 -13.00 -31.25
CA THR A 232 11.27 -13.81 -31.46
C THR A 232 10.90 -15.24 -31.81
N LYS A 233 9.95 -15.83 -31.09
CA LYS A 233 9.61 -17.21 -31.37
C LYS A 233 8.91 -17.37 -32.72
N GLU A 234 8.19 -16.34 -33.16
CA GLU A 234 7.59 -16.42 -34.49
C GLU A 234 8.65 -16.45 -35.57
N VAL A 235 9.72 -15.68 -35.39
CA VAL A 235 10.83 -15.74 -36.34
C VAL A 235 11.45 -17.13 -36.31
N LEU A 236 11.69 -17.66 -35.11
CA LEU A 236 12.30 -18.98 -35.00
C LEU A 236 11.45 -20.03 -35.71
N LYS A 237 10.13 -19.97 -35.53
CA LYS A 237 9.27 -20.96 -36.19
C LYS A 237 9.30 -20.79 -37.70
N GLN A 238 9.27 -19.54 -38.18
CA GLN A 238 9.34 -19.31 -39.61
C GLN A 238 10.61 -19.89 -40.20
N GLU A 239 11.73 -19.75 -39.51
CA GLU A 239 12.99 -20.28 -39.99
C GLU A 239 13.18 -21.76 -39.64
N LYS A 240 12.15 -22.40 -39.10
CA LYS A 240 12.18 -23.84 -38.83
C LYS A 240 13.34 -24.20 -37.89
N ILE A 241 13.61 -23.32 -36.94
CA ILE A 241 14.55 -23.61 -35.87
C ILE A 241 13.84 -24.29 -34.71
N ILE A 242 12.61 -23.90 -34.43
CA ILE A 242 11.77 -24.58 -33.45
C ILE A 242 10.48 -24.97 -34.14
N PRO A 243 9.78 -26.01 -33.65
CA PRO A 243 8.52 -26.38 -34.28
C PRO A 243 7.41 -25.35 -34.04
N GLU B 2 -0.34 26.39 17.62
CA GLU B 2 -1.58 25.67 17.88
C GLU B 2 -2.05 25.05 16.58
N TRP B 3 -2.56 23.83 16.66
CA TRP B 3 -2.96 23.07 15.50
C TRP B 3 -4.37 22.54 15.67
N GLN B 4 -5.14 22.58 14.59
CA GLN B 4 -6.50 22.07 14.58
C GLN B 4 -6.69 21.13 13.40
N GLU B 5 -7.36 20.01 13.66
CA GLU B 5 -7.63 18.99 12.65
C GLU B 5 -9.06 19.17 12.16
N ASN B 6 -9.23 19.34 10.86
CA ASN B 6 -10.52 19.58 10.22
C ASN B 6 -10.72 18.46 9.20
N LYS B 7 -11.37 17.38 9.64
CA LYS B 7 -11.53 16.22 8.78
C LYS B 7 -12.59 16.41 7.70
N SER B 8 -13.33 17.52 7.72
CA SER B 8 -14.27 17.76 6.63
C SER B 8 -13.55 17.91 5.31
N TRP B 9 -12.28 18.33 5.34
CA TRP B 9 -11.50 18.44 4.11
C TRP B 9 -11.26 17.09 3.46
N ASN B 10 -11.38 15.98 4.20
CA ASN B 10 -11.20 14.66 3.61
C ASN B 10 -12.17 14.46 2.45
N ALA B 11 -13.32 15.12 2.49
CA ALA B 11 -14.28 15.00 1.39
C ALA B 11 -13.67 15.43 0.07
N HIS B 12 -12.79 16.44 0.10
CA HIS B 12 -12.17 16.90 -1.14
C HIS B 12 -11.27 15.85 -1.76
N PHE B 13 -10.70 14.95 -0.95
CA PHE B 13 -9.89 13.86 -1.49
C PHE B 13 -10.77 12.71 -1.94
N THR B 14 -11.84 12.41 -1.18
CA THR B 14 -12.79 11.35 -1.50
C THR B 14 -13.58 11.64 -2.77
N GLU B 15 -13.57 12.88 -3.25
CA GLU B 15 -14.58 13.35 -4.20
C GLU B 15 -14.68 12.51 -5.48
N HIS B 16 -13.61 11.92 -6.05
CA HIS B 16 -12.15 12.24 -6.24
C HIS B 16 -11.30 11.00 -5.92
N LYS B 17 -11.86 10.08 -5.14
CA LYS B 17 -11.30 8.73 -5.02
C LYS B 17 -9.81 8.74 -4.74
N SER B 18 -9.36 9.67 -3.90
CA SER B 18 -7.96 9.77 -3.56
C SER B 18 -7.77 9.90 -2.05
N GLN B 19 -6.51 9.98 -1.64
CA GLN B 19 -6.12 10.10 -0.24
C GLN B 19 -4.95 11.07 -0.15
N GLY B 20 -4.95 11.93 0.85
CA GLY B 20 -3.86 12.88 1.00
C GLY B 20 -4.04 13.77 2.20
N VAL B 21 -3.18 14.78 2.28
CA VAL B 21 -3.19 15.75 3.37
C VAL B 21 -2.97 17.15 2.81
N VAL B 22 -3.69 18.11 3.39
CA VAL B 22 -3.42 19.52 3.19
C VAL B 22 -3.08 20.14 4.54
N VAL B 23 -2.01 20.93 4.57
CA VAL B 23 -1.60 21.69 5.74
C VAL B 23 -1.62 23.16 5.40
N LEU B 24 -2.33 23.95 6.20
CA LEU B 24 -2.41 25.39 6.06
C LEU B 24 -1.83 26.06 7.30
N TRP B 25 -1.18 27.21 7.09
CA TRP B 25 -0.62 28.00 8.17
C TRP B 25 -1.02 29.45 7.98
N ASN B 26 -1.71 30.01 8.97
CA ASN B 26 -2.10 31.41 8.99
C ASN B 26 -0.98 32.19 9.65
N GLU B 27 -0.26 33.00 8.86
CA GLU B 27 0.92 33.67 9.36
C GLU B 27 0.56 34.72 10.41
N ASN B 28 -0.46 35.53 10.14
CA ASN B 28 -0.83 36.57 11.10
C ASN B 28 -1.18 35.97 12.45
N LYS B 29 -1.98 34.91 12.45
CA LYS B 29 -2.49 34.34 13.69
C LYS B 29 -1.61 33.23 14.24
N GLN B 30 -0.59 32.79 13.50
CA GLN B 30 0.32 31.74 13.96
C GLN B 30 -0.45 30.49 14.35
N GLN B 31 -1.31 30.03 13.44
CA GLN B 31 -2.15 28.86 13.67
C GLN B 31 -2.11 27.97 12.43
N GLY B 32 -2.12 26.66 12.67
CA GLY B 32 -2.08 25.68 11.62
C GLY B 32 -3.34 24.84 11.55
N PHE B 33 -3.60 24.29 10.37
CA PHE B 33 -4.81 23.52 10.11
C PHE B 33 -4.48 22.40 9.15
N THR B 34 -5.05 21.22 9.40
CA THR B 34 -4.83 20.07 8.54
C THR B 34 -5.99 19.09 8.67
N ASN B 35 -6.17 18.27 7.64
CA ASN B 35 -7.16 17.21 7.69
C ASN B 35 -6.64 15.92 8.30
N ASN B 36 -5.33 15.79 8.52
CA ASN B 36 -4.74 14.52 8.93
C ASN B 36 -3.41 14.81 9.63
N LEU B 37 -3.45 14.95 10.95
CA LEU B 37 -2.24 15.26 11.71
C LEU B 37 -1.17 14.21 11.51
N LYS B 38 -1.54 12.93 11.39
CA LYS B 38 -0.51 11.91 11.22
C LYS B 38 0.21 12.09 9.89
N ARG B 39 -0.54 12.15 8.79
CA ARG B 39 0.10 12.28 7.50
C ARG B 39 0.79 13.63 7.35
N ALA B 40 0.33 14.64 8.08
CA ALA B 40 1.01 15.93 8.04
C ALA B 40 2.46 15.82 8.50
N ASN B 41 2.76 14.84 9.34
CA ASN B 41 4.10 14.65 9.87
C ASN B 41 4.80 13.42 9.33
N GLN B 42 4.23 12.75 8.35
CA GLN B 42 4.88 11.63 7.69
C GLN B 42 5.81 12.16 6.60
N ALA B 43 7.00 11.56 6.49
CA ALA B 43 8.06 12.06 5.63
C ALA B 43 8.09 11.32 4.29
N PHE B 44 8.08 12.10 3.20
CA PHE B 44 8.12 11.55 1.86
C PHE B 44 9.33 12.12 1.10
N LEU B 45 9.65 11.49 -0.02
CA LEU B 45 10.61 12.08 -0.95
C LEU B 45 10.12 13.46 -1.40
N PRO B 46 10.98 14.46 -1.44
CA PRO B 46 10.53 15.78 -1.90
C PRO B 46 10.33 15.88 -3.39
N ALA B 47 10.99 15.03 -4.18
CA ALA B 47 10.92 15.06 -5.64
C ALA B 47 11.14 16.51 -6.08
N SER B 48 10.37 17.04 -7.02
CA SER B 48 10.67 18.33 -7.61
C SER B 48 10.46 19.52 -6.68
N THR B 49 9.89 19.32 -5.48
CA THR B 49 9.91 20.44 -4.53
C THR B 49 11.32 20.73 -4.05
N PHE B 50 12.24 19.81 -4.24
CA PHE B 50 13.62 20.05 -3.87
C PHE B 50 14.27 21.11 -4.76
N KCX B 51 13.63 21.45 -5.88
CA KCX B 51 14.17 22.47 -6.76
CB KCX B 51 13.36 22.55 -8.07
CG KCX B 51 13.55 21.31 -8.95
CD KCX B 51 12.89 21.44 -10.30
CE KCX B 51 13.25 20.29 -11.23
NZ KCX B 51 12.73 19.00 -10.71
C KCX B 51 14.22 23.84 -6.08
O KCX B 51 14.95 24.73 -6.50
CX KCX B 51 13.53 18.10 -10.15
OQ1 KCX B 51 14.75 18.31 -10.06
OQ2 KCX B 51 13.06 17.04 -9.71
H KCX B 51 12.89 21.10 -6.14
HA KCX B 51 15.09 22.23 -7.00
HB2 KCX B 51 12.42 22.61 -7.85
HG2 KCX B 51 14.50 21.16 -9.09
HD2 KCX B 51 11.93 21.45 -10.19
HE2 KCX B 51 12.85 20.44 -12.10
N ILE B 52 13.45 24.00 -4.99
CA ILE B 52 13.50 25.25 -4.23
C ILE B 52 14.85 25.37 -3.52
N PRO B 53 15.18 24.45 -2.60
CA PRO B 53 16.50 24.52 -1.96
C PRO B 53 17.64 24.39 -2.94
N ASN B 54 17.47 23.56 -3.97
CA ASN B 54 18.53 23.39 -4.95
C ASN B 54 18.88 24.70 -5.65
N SER B 55 17.83 25.46 -6.03
CA SER B 55 18.04 26.77 -6.65
C SER B 55 18.74 27.73 -5.70
N LEU B 56 18.31 27.76 -4.43
CA LEU B 56 18.94 28.65 -3.46
C LEU B 56 20.43 28.37 -3.35
N ILE B 57 20.79 27.10 -3.21
CA ILE B 57 22.20 26.74 -3.03
C ILE B 57 22.99 27.08 -4.30
N ALA B 58 22.44 26.76 -5.46
CA ALA B 58 23.14 27.03 -6.71
C ALA B 58 23.37 28.52 -6.87
N LEU B 59 22.38 29.34 -6.52
CA LEU B 59 22.56 30.78 -6.62
C LEU B 59 23.60 31.27 -5.63
N ASP B 60 23.52 30.81 -4.39
CA ASP B 60 24.39 31.36 -3.37
C ASP B 60 25.85 30.97 -3.57
N LEU B 61 26.09 29.83 -4.22
CA LEU B 61 27.45 29.37 -4.50
C LEU B 61 27.99 29.87 -5.83
N GLY B 62 27.16 30.49 -6.67
CA GLY B 62 27.61 30.94 -7.97
C GLY B 62 27.53 29.93 -9.09
N VAL B 63 27.01 28.73 -8.83
CA VAL B 63 26.75 27.78 -9.90
C VAL B 63 25.78 28.38 -10.91
N VAL B 64 24.81 29.14 -10.44
CA VAL B 64 23.90 29.90 -11.27
C VAL B 64 24.14 31.38 -11.00
N LYS B 65 24.42 32.14 -12.06
CA LYS B 65 24.74 33.56 -11.90
C LYS B 65 23.49 34.38 -11.56
N ASP B 66 22.42 34.16 -12.30
CA ASP B 66 21.19 34.91 -12.13
C ASP B 66 20.09 34.17 -12.88
N GLU B 67 18.89 34.76 -12.88
CA GLU B 67 17.73 34.10 -13.46
C GLU B 67 17.69 34.19 -14.97
N HIS B 68 18.68 34.84 -15.59
CA HIS B 68 18.76 34.95 -17.04
C HIS B 68 19.75 33.97 -17.67
N GLN B 69 20.66 33.41 -16.88
CA GLN B 69 21.66 32.49 -17.42
C GLN B 69 20.98 31.34 -18.14
N VAL B 70 21.45 31.03 -19.33
CA VAL B 70 20.87 29.99 -20.18
C VAL B 70 21.59 28.68 -19.91
N PHE B 71 20.81 27.63 -19.66
CA PHE B 71 21.34 26.28 -19.52
C PHE B 71 21.01 25.53 -20.80
N LYS B 72 22.03 25.31 -21.62
CA LYS B 72 21.82 24.76 -22.95
C LYS B 72 21.36 23.31 -22.86
N TRP B 73 20.38 22.96 -23.68
CA TRP B 73 19.99 21.56 -23.83
C TRP B 73 21.19 20.71 -24.21
N ASP B 74 21.34 19.57 -23.56
CA ASP B 74 22.48 18.71 -23.84
C ASP B 74 22.31 17.88 -25.11
N GLY B 75 21.17 18.01 -25.80
CA GLY B 75 20.97 17.33 -27.06
C GLY B 75 20.42 15.93 -26.95
N GLN B 76 20.13 15.45 -25.74
CA GLN B 76 19.56 14.12 -25.56
C GLN B 76 18.05 14.23 -25.57
N THR B 77 17.41 13.57 -26.52
CA THR B 77 15.95 13.57 -26.59
C THR B 77 15.37 12.83 -25.40
N ARG B 78 14.59 13.53 -24.57
CA ARG B 78 13.87 12.93 -23.47
C ARG B 78 12.37 12.95 -23.76
N ASP B 79 11.62 12.21 -22.95
CA ASP B 79 10.20 12.00 -23.23
C ASP B 79 9.33 13.18 -22.81
N ILE B 80 9.89 14.21 -22.18
CA ILE B 80 9.13 15.40 -21.83
C ILE B 80 9.53 16.47 -22.83
N ALA B 81 8.61 16.81 -23.74
CA ALA B 81 8.96 17.68 -24.86
C ALA B 81 9.56 18.99 -24.38
N THR B 82 8.97 19.61 -23.36
CA THR B 82 9.47 20.91 -22.89
C THR B 82 10.90 20.82 -22.33
N TRP B 83 11.39 19.62 -22.03
CA TRP B 83 12.76 19.48 -21.53
C TRP B 83 13.81 19.55 -22.63
N ASN B 84 13.43 19.33 -23.89
CA ASN B 84 14.39 19.30 -24.99
C ASN B 84 14.55 20.70 -25.59
N ARG B 85 14.95 21.62 -24.72
CA ARG B 85 15.10 23.02 -25.08
C ARG B 85 16.07 23.67 -24.09
N ASP B 86 16.54 24.86 -24.47
CA ASP B 86 17.33 25.67 -23.55
C ASP B 86 16.41 26.23 -22.46
N HIS B 87 16.98 26.47 -21.29
CA HIS B 87 16.21 26.95 -20.16
C HIS B 87 17.03 27.98 -19.39
N ASN B 88 16.31 28.81 -18.64
CA ASN B 88 16.90 29.59 -17.57
C ASN B 88 16.25 29.16 -16.26
N LEU B 89 16.61 29.82 -15.16
CA LEU B 89 16.10 29.41 -13.85
C LEU B 89 14.59 29.49 -13.82
N ILE B 90 14.02 30.53 -14.41
CA ILE B 90 12.56 30.72 -14.40
C ILE B 90 11.88 29.57 -15.13
N THR B 91 12.27 29.31 -16.37
CA THR B 91 11.59 28.27 -17.14
C THR B 91 11.91 26.88 -16.62
N ALA B 92 13.13 26.67 -16.11
CA ALA B 92 13.49 25.38 -15.55
C ALA B 92 12.62 25.04 -14.36
N MET B 93 12.20 26.04 -13.59
CA MET B 93 11.28 25.80 -12.49
C MET B 93 9.86 25.59 -12.99
N LYS B 94 9.45 26.37 -13.99
CA LYS B 94 8.11 26.26 -14.54
C LYS B 94 7.85 24.86 -15.09
N TYR B 95 8.80 24.30 -15.83
CA TYR B 95 8.63 23.00 -16.46
C TYR B 95 9.32 21.88 -15.70
N SER B 96 9.75 22.15 -14.47
CA SER B 96 10.31 21.14 -13.57
C SER B 96 11.35 20.28 -14.30
N VAL B 97 12.37 20.96 -14.82
CA VAL B 97 13.31 20.35 -15.77
C VAL B 97 14.40 19.64 -14.97
N VAL B 98 14.14 18.36 -14.66
CA VAL B 98 15.04 17.57 -13.82
C VAL B 98 16.49 17.62 -14.32
N PRO B 99 16.79 17.35 -15.60
CA PRO B 99 18.20 17.26 -16.00
C PRO B 99 19.00 18.51 -15.75
N VAL B 100 18.39 19.70 -15.83
CA VAL B 100 19.11 20.93 -15.51
C VAL B 100 19.51 20.94 -14.05
N TYR B 101 18.59 20.53 -13.17
CA TYR B 101 18.89 20.56 -11.74
C TYR B 101 19.82 19.42 -11.34
N GLN B 102 19.82 18.32 -12.08
CA GLN B 102 20.79 17.27 -11.80
C GLN B 102 22.21 17.79 -12.03
N GLU B 103 22.41 18.59 -13.08
CA GLU B 103 23.73 19.21 -13.30
C GLU B 103 24.04 20.24 -12.21
N PHE B 104 23.05 21.03 -11.78
CA PHE B 104 23.28 21.90 -10.62
C PHE B 104 23.87 21.09 -9.47
N ALA B 105 23.23 19.95 -9.15
CA ALA B 105 23.65 19.16 -7.99
C ALA B 105 25.08 18.67 -8.16
N ARG B 106 25.44 18.21 -9.36
CA ARG B 106 26.81 17.77 -9.61
C ARG B 106 27.82 18.89 -9.38
N GLN B 107 27.48 20.11 -9.80
CA GLN B 107 28.41 21.23 -9.61
C GLN B 107 28.43 21.69 -8.17
N ILE B 108 27.31 21.59 -7.46
CA ILE B 108 27.33 21.88 -6.02
C ILE B 108 28.23 20.89 -5.30
N GLY B 109 28.04 19.60 -5.54
CA GLY B 109 28.83 18.57 -4.91
C GLY B 109 28.22 18.12 -3.59
N GLU B 110 28.64 16.92 -3.15
CA GLU B 110 28.08 16.30 -1.96
C GLU B 110 28.32 17.14 -0.70
N ALA B 111 29.56 17.58 -0.51
CA ALA B 111 29.94 18.25 0.74
C ALA B 111 29.14 19.52 0.94
N ARG B 112 29.11 20.39 -0.08
CA ARG B 112 28.42 21.66 0.06
C ARG B 112 26.91 21.47 0.13
N MET B 113 26.37 20.53 -0.67
CA MET B 113 24.94 20.25 -0.61
C MET B 113 24.54 19.79 0.79
N SER B 114 25.27 18.85 1.36
CA SER B 114 24.95 18.33 2.69
C SER B 114 24.99 19.44 3.73
N LYS B 115 26.05 20.27 3.69
CA LYS B 115 26.15 21.34 4.66
C LYS B 115 24.96 22.29 4.57
N MET B 116 24.52 22.61 3.36
CA MET B 116 23.47 23.60 3.22
C MET B 116 22.13 23.05 3.70
N LEU B 117 21.86 21.77 3.45
CA LEU B 117 20.60 21.22 3.94
C LEU B 117 20.57 21.20 5.46
N HIS B 118 21.72 20.98 6.10
CA HIS B 118 21.77 21.12 7.54
C HIS B 118 21.54 22.57 7.96
N ALA B 119 22.18 23.52 7.26
CA ALA B 119 21.96 24.93 7.56
C ALA B 119 20.51 25.35 7.36
N PHE B 120 19.82 24.76 6.38
CA PHE B 120 18.40 25.02 6.13
C PHE B 120 17.48 24.24 7.07
N ASP B 121 18.00 23.25 7.81
CA ASP B 121 17.14 22.39 8.64
C ASP B 121 16.07 21.70 7.79
N TYR B 122 16.45 21.30 6.58
CA TYR B 122 15.51 20.82 5.56
C TYR B 122 15.28 19.33 5.77
N GLY B 123 14.06 18.95 6.14
CA GLY B 123 13.72 17.54 6.23
C GLY B 123 14.64 16.79 7.15
N ASN B 124 14.99 15.56 6.76
CA ASN B 124 15.95 14.81 7.55
C ASN B 124 17.40 15.16 7.20
N GLU B 125 17.62 16.14 6.31
CA GLU B 125 18.96 16.67 6.06
C GLU B 125 19.91 15.59 5.55
N ASP B 126 19.38 14.54 4.93
CA ASP B 126 20.16 13.37 4.54
C ASP B 126 20.23 13.28 3.02
N ILE B 127 21.43 13.43 2.47
CA ILE B 127 21.61 13.37 1.02
C ILE B 127 22.11 11.99 0.57
N SER B 128 21.95 10.97 1.41
CA SER B 128 22.39 9.63 1.05
C SER B 128 21.82 9.22 -0.30
N GLY B 129 22.69 8.62 -1.12
CA GLY B 129 22.32 8.26 -2.47
C GLY B 129 23.23 8.90 -3.49
N ASN B 130 22.81 8.89 -4.76
CA ASN B 130 23.60 9.54 -5.80
C ASN B 130 23.36 11.05 -5.74
N VAL B 131 24.44 11.81 -5.86
CA VAL B 131 24.33 13.26 -5.74
C VAL B 131 23.42 13.86 -6.79
N ASP B 132 23.22 13.19 -7.94
CA ASP B 132 22.40 13.75 -9.01
C ASP B 132 21.00 13.17 -9.04
N SER B 133 20.57 12.48 -7.98
CA SER B 133 19.21 11.95 -7.96
C SER B 133 18.69 11.66 -6.55
N PHE B 134 19.41 12.08 -5.50
CA PHE B 134 19.03 11.64 -4.17
C PHE B 134 17.64 12.15 -3.78
N TRP B 135 17.22 13.29 -4.34
CA TRP B 135 15.89 13.82 -4.06
C TRP B 135 14.81 13.08 -4.84
N LEU B 136 15.19 12.17 -5.73
CA LEU B 136 14.24 11.34 -6.47
C LEU B 136 14.19 9.89 -6.00
N ASP B 137 15.32 9.35 -5.53
CA ASP B 137 15.34 7.96 -5.06
C ASP B 137 16.39 7.71 -3.97
N GLY B 138 16.85 8.75 -3.29
CA GLY B 138 17.81 8.60 -2.21
C GLY B 138 17.14 8.55 -0.86
N GLY B 139 17.86 9.01 0.16
CA GLY B 139 17.40 8.91 1.53
C GLY B 139 16.77 10.15 2.09
N ILE B 140 16.74 11.25 1.36
CA ILE B 140 16.19 12.48 1.90
C ILE B 140 14.67 12.36 2.00
N ARG B 141 14.11 12.94 3.06
CA ARG B 141 12.69 12.89 3.33
C ARG B 141 12.27 14.20 3.97
N ILE B 142 11.01 14.58 3.77
CA ILE B 142 10.46 15.80 4.36
C ILE B 142 8.95 15.63 4.50
N SER B 143 8.40 16.16 5.60
CA SER B 143 6.96 16.16 5.83
C SER B 143 6.33 17.46 5.33
N ALA B 144 5.00 17.44 5.22
CA ALA B 144 4.27 18.64 4.84
C ALA B 144 4.48 19.75 5.86
N THR B 145 4.46 19.42 7.15
CA THR B 145 4.68 20.45 8.16
C THR B 145 6.10 20.99 8.09
N GLU B 146 7.08 20.13 7.77
CA GLU B 146 8.45 20.60 7.59
C GLU B 146 8.60 21.44 6.34
N GLN B 147 7.81 21.17 5.30
CA GLN B 147 7.80 22.06 4.14
C GLN B 147 7.36 23.46 4.55
N ILE B 148 6.30 23.54 5.37
CA ILE B 148 5.79 24.83 5.82
C ILE B 148 6.87 25.59 6.57
N SER B 149 7.55 24.91 7.50
CA SER B 149 8.60 25.55 8.27
C SER B 149 9.69 26.12 7.37
N PHE B 150 10.10 25.35 6.36
CA PHE B 150 11.13 25.82 5.44
C PHE B 150 10.63 27.03 4.64
N LEU B 151 9.40 26.95 4.12
CA LEU B 151 8.88 28.04 3.29
C LEU B 151 8.72 29.33 4.09
N ARG B 152 8.36 29.23 5.37
CA ARG B 152 8.22 30.44 6.18
C ARG B 152 9.56 31.16 6.32
N LYS B 153 10.65 30.41 6.49
CA LYS B 153 11.97 31.03 6.53
C LYS B 153 12.27 31.74 5.21
N LEU B 154 11.99 31.06 4.10
CA LEU B 154 12.21 31.66 2.78
C LEU B 154 11.43 32.95 2.63
N TYR B 155 10.14 32.92 3.00
CA TYR B 155 9.31 34.12 2.86
C TYR B 155 9.94 35.29 3.61
N HIS B 156 10.47 35.05 4.81
CA HIS B 156 11.03 36.11 5.65
C HIS B 156 12.51 36.36 5.41
N ASN B 157 13.10 35.76 4.38
CA ASN B 157 14.53 35.91 4.06
C ASN B 157 15.43 35.47 5.22
N LYS B 158 15.00 34.44 5.96
CA LYS B 158 15.74 33.98 7.14
C LYS B 158 16.60 32.74 6.89
N LEU B 159 16.56 32.14 5.71
CA LEU B 159 17.47 31.05 5.42
C LEU B 159 18.91 31.56 5.37
N HIS B 160 19.87 30.65 5.56
CA HIS B 160 21.28 31.04 5.63
C HIS B 160 21.91 31.12 4.24
N VAL B 161 21.27 31.90 3.37
CA VAL B 161 21.84 32.34 2.11
C VAL B 161 21.51 33.82 1.97
N SER B 162 22.10 34.46 0.95
CA SER B 162 21.93 35.91 0.80
C SER B 162 20.47 36.26 0.54
N GLU B 163 20.11 37.50 0.86
CA GLU B 163 18.78 37.99 0.51
C GLU B 163 18.53 37.89 -1.00
N ARG B 164 19.53 38.23 -1.81
CA ARG B 164 19.39 38.18 -3.27
C ARG B 164 18.99 36.77 -3.73
N SER B 165 19.68 35.75 -3.24
CA SER B 165 19.35 34.38 -3.63
C SER B 165 17.90 34.05 -3.30
N GLN B 166 17.43 34.48 -2.13
CA GLN B 166 16.05 34.19 -1.74
C GLN B 166 15.06 34.97 -2.59
N ARG B 167 15.35 36.23 -2.90
CA ARG B 167 14.43 36.99 -3.76
C ARG B 167 14.32 36.37 -5.14
N ILE B 168 15.44 35.88 -5.69
CA ILE B 168 15.39 35.30 -7.04
C ILE B 168 14.55 34.03 -7.04
N VAL B 169 14.72 33.17 -6.03
CA VAL B 169 13.97 31.92 -6.01
C VAL B 169 12.48 32.19 -5.83
N LYS B 170 12.12 33.17 -4.99
CA LYS B 170 10.71 33.50 -4.83
C LYS B 170 10.12 34.05 -6.12
N GLN B 171 10.90 34.78 -6.90
CA GLN B 171 10.45 35.17 -8.24
C GLN B 171 10.20 33.93 -9.10
N ALA B 172 11.14 33.00 -9.10
CA ALA B 172 11.01 31.80 -9.92
C ALA B 172 9.84 30.92 -9.49
N MET B 173 9.38 31.05 -8.25
CA MET B 173 8.25 30.27 -7.75
C MET B 173 6.91 30.85 -8.18
N LEU B 174 6.90 32.03 -8.79
CA LEU B 174 5.65 32.66 -9.15
C LEU B 174 4.83 31.74 -10.04
N THR B 175 3.59 31.48 -9.62
CA THR B 175 2.69 30.55 -10.29
C THR B 175 1.44 31.22 -10.81
N GLU B 176 0.83 32.11 -10.01
CA GLU B 176 -0.43 32.72 -10.38
C GLU B 176 -0.53 34.08 -9.69
N ALA B 177 -1.08 35.05 -10.40
CA ALA B 177 -1.28 36.37 -9.81
C ALA B 177 -2.47 37.02 -10.50
N ASN B 178 -3.36 37.59 -9.69
CA ASN B 178 -4.51 38.34 -10.18
C ASN B 178 -4.82 39.42 -9.15
N GLY B 179 -5.94 40.11 -9.34
CA GLY B 179 -6.30 41.19 -8.45
C GLY B 179 -6.62 40.74 -7.04
N ASP B 180 -6.80 39.44 -6.82
CA ASP B 180 -7.21 38.94 -5.52
C ASP B 180 -6.08 38.29 -4.74
N TYR B 181 -5.14 37.60 -5.38
CA TYR B 181 -4.10 36.92 -4.63
C TYR B 181 -2.90 36.62 -5.54
N ILE B 182 -1.79 36.30 -4.90
CA ILE B 182 -0.58 35.82 -5.57
C ILE B 182 -0.21 34.47 -4.97
N ILE B 183 0.14 33.52 -5.83
CA ILE B 183 0.61 32.21 -5.39
C ILE B 183 2.04 32.01 -5.86
N ARG B 184 2.93 31.73 -4.90
CA ARG B 184 4.28 31.28 -5.18
C ARG B 184 4.39 29.86 -4.64
N ALA B 185 4.78 28.91 -5.50
CA ALA B 185 4.67 27.50 -5.15
C ALA B 185 5.48 26.65 -6.11
N LYS B 186 5.62 25.36 -5.76
CA LYS B 186 6.30 24.39 -6.60
C LYS B 186 5.63 23.03 -6.44
N THR B 187 5.37 22.38 -7.57
CA THR B 187 4.79 21.05 -7.58
C THR B 187 5.86 19.99 -7.42
N GLY B 188 5.42 18.79 -7.08
CA GLY B 188 6.29 17.63 -6.99
C GLY B 188 5.57 16.38 -7.45
N TYR B 189 6.34 15.43 -7.96
CA TYR B 189 5.80 14.17 -8.46
C TYR B 189 6.82 13.07 -8.18
N SER B 190 6.56 12.21 -7.21
CA SER B 190 7.50 11.19 -6.75
C SER B 190 7.02 9.80 -7.16
N THR B 191 7.79 9.10 -7.99
CA THR B 191 7.39 7.79 -8.49
C THR B 191 8.39 6.67 -8.23
N ARG B 192 9.65 6.97 -7.89
CA ARG B 192 10.67 5.93 -7.81
C ARG B 192 10.61 5.12 -6.53
N ILE B 193 9.98 5.64 -5.48
CA ILE B 193 9.89 4.92 -4.21
C ILE B 193 8.44 4.98 -3.75
N GLU B 194 7.90 3.83 -3.34
CA GLU B 194 6.52 3.79 -2.87
C GLU B 194 6.39 4.49 -1.52
N PRO B 195 5.24 5.13 -1.26
CA PRO B 195 4.11 5.30 -2.17
C PRO B 195 4.30 6.43 -3.17
N LYS B 196 3.81 6.25 -4.39
CA LYS B 196 3.89 7.31 -5.39
C LYS B 196 2.97 8.45 -4.97
N ILE B 197 3.51 9.68 -4.94
CA ILE B 197 2.76 10.83 -4.46
C ILE B 197 3.01 12.04 -5.35
N GLY B 198 2.11 13.02 -5.22
CA GLY B 198 2.31 14.34 -5.78
C GLY B 198 2.35 15.37 -4.66
N TRP B 199 3.11 16.44 -4.88
CA TRP B 199 3.23 17.54 -3.94
C TRP B 199 2.68 18.82 -4.55
N TRP B 200 2.23 19.74 -3.68
CA TRP B 200 2.14 21.14 -4.04
C TRP B 200 2.36 21.94 -2.77
N VAL B 201 3.40 22.77 -2.77
CA VAL B 201 3.79 23.52 -1.58
C VAL B 201 4.06 24.96 -1.99
N GLY B 202 3.70 25.89 -1.11
CA GLY B 202 3.92 27.30 -1.39
C GLY B 202 3.15 28.16 -0.42
N TRP B 203 2.72 29.32 -0.91
CA TRP B 203 1.92 30.21 -0.10
C TRP B 203 1.06 31.10 -0.98
N VAL B 204 0.05 31.67 -0.34
CA VAL B 204 -0.91 32.58 -0.98
C VAL B 204 -0.73 33.93 -0.32
N GLU B 205 -0.39 34.94 -1.12
CA GLU B 205 -0.22 36.31 -0.64
C GLU B 205 -1.54 37.06 -0.79
N LEU B 206 -2.02 37.63 0.31
CA LEU B 206 -3.17 38.52 0.34
C LEU B 206 -2.72 39.93 0.70
N ASP B 207 -3.65 40.88 0.62
CA ASP B 207 -3.32 42.26 0.99
C ASP B 207 -2.79 42.33 2.42
N ASP B 208 -3.40 41.61 3.36
CA ASP B 208 -3.10 41.78 4.77
C ASP B 208 -2.71 40.49 5.47
N ASN B 209 -2.34 39.45 4.72
CA ASN B 209 -1.97 38.19 5.36
C ASN B 209 -1.30 37.29 4.32
N VAL B 210 -0.69 36.22 4.82
CA VAL B 210 -0.10 35.18 4.00
C VAL B 210 -0.52 33.84 4.57
N TRP B 211 -0.98 32.95 3.70
CA TRP B 211 -1.35 31.58 4.06
C TRP B 211 -0.35 30.64 3.40
N PHE B 212 0.46 29.96 4.21
CA PHE B 212 1.34 28.94 3.69
C PHE B 212 0.59 27.63 3.53
N PHE B 213 0.96 26.84 2.53
CA PHE B 213 0.30 25.57 2.32
C PHE B 213 1.29 24.51 1.86
N ALA B 214 1.00 23.27 2.24
CA ALA B 214 1.76 22.13 1.76
C ALA B 214 0.83 20.93 1.72
N MET B 215 0.71 20.31 0.55
CA MET B 215 -0.16 19.16 0.36
C MET B 215 0.61 18.07 -0.36
N ASN B 216 0.27 16.82 -0.02
CA ASN B 216 0.68 15.69 -0.85
C ASN B 216 -0.48 14.71 -0.89
N MET B 217 -0.49 13.89 -1.94
CA MET B 217 -1.58 12.98 -2.19
C MET B 217 -1.05 11.79 -2.95
N ASP B 218 -1.71 10.65 -2.76
CA ASP B 218 -1.36 9.44 -3.50
C ASP B 218 -1.56 9.69 -4.99
N MET B 219 -0.62 9.21 -5.79
CA MET B 219 -0.60 9.47 -7.24
C MET B 219 -0.23 8.17 -7.95
N PRO B 220 -1.15 7.22 -7.99
CA PRO B 220 -0.85 5.95 -8.65
C PRO B 220 -0.58 6.10 -10.15
N THR B 221 -1.14 7.12 -10.77
CA THR B 221 -0.95 7.37 -12.20
C THR B 221 -0.79 8.85 -12.43
N SER B 222 -0.14 9.20 -13.53
CA SER B 222 0.05 10.60 -13.88
C SER B 222 -1.25 11.28 -14.24
N ASP B 223 -2.36 10.52 -14.36
CA ASP B 223 -3.62 11.11 -14.78
C ASP B 223 -4.22 12.04 -13.73
N GLY B 224 -3.83 11.91 -12.47
CA GLY B 224 -4.37 12.75 -11.41
C GLY B 224 -3.51 13.93 -11.02
N LEU B 225 -2.51 14.28 -11.82
CA LEU B 225 -1.58 15.31 -11.39
C LEU B 225 -2.25 16.66 -11.20
N GLY B 226 -3.26 16.97 -12.01
CA GLY B 226 -3.98 18.22 -11.87
C GLY B 226 -4.74 18.35 -10.57
N LEU B 227 -4.94 17.24 -9.84
CA LEU B 227 -5.64 17.29 -8.57
C LEU B 227 -4.81 17.93 -7.48
N ARG B 228 -3.48 17.96 -7.63
CA ARG B 228 -2.64 18.61 -6.64
C ARG B 228 -3.08 20.05 -6.42
N GLN B 229 -3.25 20.81 -7.49
CA GLN B 229 -3.68 22.20 -7.41
C GLN B 229 -5.19 22.32 -7.20
N ALA B 230 -5.98 21.47 -7.84
CA ALA B 230 -7.43 21.58 -7.76
C ALA B 230 -7.92 21.33 -6.33
N ILE B 231 -7.39 20.30 -5.68
CA ILE B 231 -7.82 19.96 -4.32
C ILE B 231 -7.40 21.06 -3.36
N THR B 232 -6.16 21.53 -3.47
CA THR B 232 -5.70 22.62 -2.62
C THR B 232 -6.60 23.84 -2.77
N LYS B 233 -7.01 24.15 -4.00
CA LYS B 233 -7.84 25.33 -4.20
C LYS B 233 -9.24 25.14 -3.64
N GLU B 234 -9.76 23.90 -3.64
CA GLU B 234 -11.06 23.68 -3.03
C GLU B 234 -11.01 23.93 -1.54
N VAL B 235 -9.93 23.52 -0.88
CA VAL B 235 -9.76 23.82 0.53
C VAL B 235 -9.66 25.32 0.75
N LEU B 236 -8.83 26.01 -0.05
CA LEU B 236 -8.69 27.45 0.11
C LEU B 236 -10.03 28.14 -0.07
N LYS B 237 -10.82 27.71 -1.05
CA LYS B 237 -12.13 28.31 -1.27
C LYS B 237 -13.08 28.02 -0.11
N GLN B 238 -13.07 26.78 0.40
CA GLN B 238 -13.94 26.45 1.53
C GLN B 238 -13.64 27.33 2.73
N GLU B 239 -12.36 27.59 2.99
CA GLU B 239 -11.95 28.43 4.12
C GLU B 239 -12.00 29.91 3.78
N LYS B 240 -12.53 30.27 2.62
CA LYS B 240 -12.70 31.67 2.22
C LYS B 240 -11.37 32.41 2.26
N ILE B 241 -10.30 31.72 1.87
CA ILE B 241 -9.00 32.37 1.68
C ILE B 241 -8.90 32.94 0.27
N ILE B 242 -9.46 32.25 -0.72
CA ILE B 242 -9.59 32.80 -2.07
C ILE B 242 -11.06 32.70 -2.45
N PRO B 243 -11.56 33.55 -3.36
CA PRO B 243 -12.95 33.45 -3.82
C PRO B 243 -13.19 32.24 -4.72
N GLU C 2 0.86 21.88 20.50
CA GLU C 2 2.18 22.42 20.83
C GLU C 2 3.17 21.33 21.17
N TRP C 3 4.38 21.49 20.65
CA TRP C 3 5.50 20.61 20.89
C TRP C 3 6.69 21.49 21.26
N GLN C 4 7.46 21.07 22.25
CA GLN C 4 8.62 21.82 22.67
C GLN C 4 9.84 20.91 22.67
N GLU C 5 10.94 21.44 22.16
CA GLU C 5 12.18 20.69 22.08
C GLU C 5 13.05 21.07 23.27
N ASN C 6 13.49 20.06 24.02
CA ASN C 6 14.30 20.26 25.21
C ASN C 6 15.59 19.49 24.97
N LYS C 7 16.60 20.18 24.43
CA LYS C 7 17.85 19.54 24.06
C LYS C 7 18.72 19.20 25.26
N SER C 8 18.35 19.66 26.47
CA SER C 8 19.13 19.29 27.65
C SER C 8 19.06 17.79 27.91
N TRP C 9 17.99 17.14 27.47
CA TRP C 9 17.90 15.68 27.62
C TRP C 9 18.97 14.95 26.83
N ASN C 10 19.54 15.59 25.80
CA ASN C 10 20.59 14.95 25.02
C ASN C 10 21.77 14.54 25.90
N ALA C 11 21.98 15.24 27.01
CA ALA C 11 23.05 14.87 27.93
C ALA C 11 22.86 13.45 28.45
N HIS C 12 21.61 13.04 28.67
CA HIS C 12 21.34 11.69 29.15
C HIS C 12 21.75 10.65 28.11
N PHE C 13 21.70 11.01 26.82
CA PHE C 13 22.16 10.09 25.79
C PHE C 13 23.68 10.14 25.65
N THR C 14 24.27 11.35 25.66
CA THR C 14 25.70 11.44 25.45
C THR C 14 26.50 10.86 26.61
N GLU C 15 25.95 10.86 27.82
CA GLU C 15 26.71 10.31 28.94
C GLU C 15 27.01 8.84 28.70
N HIS C 16 26.15 8.16 27.96
CA HIS C 16 26.34 6.77 27.59
C HIS C 16 26.84 6.63 26.15
N LYS C 17 27.33 7.71 25.55
CA LYS C 17 27.88 7.68 24.20
C LYS C 17 26.91 7.01 23.24
N SER C 18 25.63 7.33 23.39
CA SER C 18 24.58 6.78 22.55
C SER C 18 23.76 7.91 21.95
N GLN C 19 22.82 7.54 21.10
CA GLN C 19 21.97 8.50 20.40
C GLN C 19 20.54 7.94 20.32
N GLY C 20 19.58 8.82 20.49
CA GLY C 20 18.18 8.42 20.45
C GLY C 20 17.28 9.61 20.69
N VAL C 21 16.00 9.31 20.88
CA VAL C 21 14.98 10.32 21.13
C VAL C 21 14.07 9.83 22.26
N VAL C 22 13.65 10.76 23.10
CA VAL C 22 12.58 10.52 24.07
C VAL C 22 11.45 11.47 23.74
N VAL C 23 10.23 10.94 23.67
CA VAL C 23 9.03 11.72 23.44
C VAL C 23 8.09 11.54 24.62
N LEU C 24 7.67 12.65 25.21
CA LEU C 24 6.73 12.67 26.31
C LEU C 24 5.46 13.42 25.90
N TRP C 25 4.32 12.94 26.39
CA TRP C 25 3.05 13.59 26.17
C TRP C 25 2.32 13.74 27.49
N ASN C 26 2.02 14.99 27.86
CA ASN C 26 1.28 15.32 29.07
C ASN C 26 -0.20 15.29 28.73
N GLU C 27 -0.92 14.31 29.26
CA GLU C 27 -2.30 14.10 28.85
C GLU C 27 -3.21 15.23 29.30
N ASN C 28 -3.06 15.70 30.54
CA ASN C 28 -3.94 16.76 31.03
C ASN C 28 -3.81 18.01 30.19
N LYS C 29 -2.59 18.42 29.88
CA LYS C 29 -2.37 19.67 29.17
C LYS C 29 -2.29 19.52 27.66
N GLN C 30 -2.30 18.30 27.14
CA GLN C 30 -2.26 18.08 25.69
C GLN C 30 -1.04 18.76 25.07
N GLN C 31 0.13 18.49 25.66
CA GLN C 31 1.38 19.08 25.24
C GLN C 31 2.46 18.00 25.15
N GLY C 32 3.33 18.15 24.16
CA GLY C 32 4.40 17.19 23.92
C GLY C 32 5.78 17.78 24.15
N PHE C 33 6.75 16.92 24.44
CA PHE C 33 8.11 17.31 24.74
C PHE C 33 9.06 16.25 24.22
N THR C 34 10.16 16.68 23.61
CA THR C 34 11.15 15.73 23.09
C THR C 34 12.49 16.44 22.96
N ASN C 35 13.56 15.63 22.94
CA ASN C 35 14.89 16.18 22.73
C ASN C 35 15.23 16.39 21.26
N ASN C 36 14.41 15.85 20.34
CA ASN C 36 14.76 15.84 18.93
C ASN C 36 13.45 15.72 18.14
N LEU C 37 12.91 16.85 17.72
CA LEU C 37 11.65 16.88 16.99
C LEU C 37 11.71 16.03 15.72
N LYS C 38 12.84 16.06 15.03
CA LYS C 38 12.95 15.31 13.78
C LYS C 38 12.89 13.80 14.02
N ARG C 39 13.75 13.29 14.92
CA ARG C 39 13.75 11.85 15.16
C ARG C 39 12.46 11.41 15.83
N ALA C 40 11.78 12.30 16.55
CA ALA C 40 10.50 11.96 17.14
C ALA C 40 9.49 11.54 16.08
N ASN C 41 9.66 12.02 14.85
CA ASN C 41 8.75 11.72 13.76
C ASN C 41 9.38 10.79 12.72
N GLN C 42 10.57 10.25 13.00
CA GLN C 42 11.17 9.29 12.08
C GLN C 42 10.58 7.91 12.32
N ALA C 43 10.19 7.23 11.25
CA ALA C 43 9.46 5.98 11.34
C ALA C 43 10.43 4.80 11.22
N PHE C 44 10.38 3.89 12.19
CA PHE C 44 11.22 2.70 12.21
C PHE C 44 10.35 1.46 12.26
N LEU C 45 10.98 0.31 12.05
CA LEU C 45 10.34 -0.97 12.33
C LEU C 45 9.94 -1.02 13.80
N PRO C 46 8.72 -1.47 14.12
CA PRO C 46 8.31 -1.52 15.54
C PRO C 46 8.92 -2.67 16.32
N ALA C 47 9.31 -3.75 15.65
CA ALA C 47 9.83 -4.96 16.30
C ALA C 47 8.85 -5.34 17.41
N SER C 48 9.33 -5.67 18.62
CA SER C 48 8.48 -6.27 19.64
C SER C 48 7.47 -5.29 20.25
N THR C 49 7.54 -4.00 19.94
CA THR C 49 6.42 -3.14 20.34
C THR C 49 5.16 -3.50 19.57
N PHE C 50 5.30 -4.23 18.45
CA PHE C 50 4.15 -4.69 17.70
C PHE C 50 3.35 -5.75 18.47
N KCX C 51 3.89 -6.24 19.57
CA KCX C 51 3.18 -7.24 20.35
CB KCX C 51 4.09 -7.86 21.40
CG KCX C 51 5.13 -8.80 20.80
CD KCX C 51 5.95 -9.58 21.81
CE KCX C 51 6.83 -10.63 21.12
NZ KCX C 51 7.84 -9.98 20.23
C KCX C 51 1.93 -6.63 20.97
O KCX C 51 0.99 -7.36 21.28
CX KCX C 51 7.75 -9.96 18.90
OQ1 KCX C 51 8.63 -9.39 18.24
OQ2 KCX C 51 6.81 -10.51 18.30
H KCX C 51 4.66 -6.03 19.88
HA KCX C 51 2.88 -7.96 19.75
HB2 KCX C 51 4.56 -7.15 21.88
HG2 KCX C 51 4.69 -9.44 20.22
HD2 KCX C 51 5.34 -10.04 22.42
HE2 KCX C 51 6.26 -11.19 20.58
N ILE C 52 1.90 -5.30 21.11
CA ILE C 52 0.69 -4.65 21.62
C ILE C 52 -0.47 -4.80 20.63
N PRO C 53 -0.35 -4.23 19.42
CA PRO C 53 -1.45 -4.41 18.46
C PRO C 53 -1.71 -5.87 18.12
N ASN C 54 -0.65 -6.68 18.06
CA ASN C 54 -0.80 -8.10 17.79
C ASN C 54 -1.64 -8.78 18.86
N SER C 55 -1.39 -8.46 20.13
CA SER C 55 -2.19 -9.02 21.22
C SER C 55 -3.64 -8.62 21.10
N LEU C 56 -3.89 -7.34 20.83
CA LEU C 56 -5.26 -6.84 20.70
C LEU C 56 -6.01 -7.62 19.64
N ILE C 57 -5.39 -7.79 18.46
CA ILE C 57 -6.05 -8.45 17.34
C ILE C 57 -6.31 -9.92 17.67
N ALA C 58 -5.32 -10.61 18.25
CA ALA C 58 -5.52 -12.02 18.56
C ALA C 58 -6.65 -12.22 19.56
N LEU C 59 -6.74 -11.34 20.56
CA LEU C 59 -7.80 -11.46 21.56
C LEU C 59 -9.17 -11.18 20.95
N ASP C 60 -9.27 -10.11 20.16
CA ASP C 60 -10.58 -9.72 19.65
C ASP C 60 -11.10 -10.73 18.65
N LEU C 61 -10.21 -11.44 17.96
CA LEU C 61 -10.60 -12.44 16.99
C LEU C 61 -10.79 -13.82 17.60
N GLY C 62 -10.43 -14.00 18.86
CA GLY C 62 -10.52 -15.30 19.49
C GLY C 62 -9.31 -16.20 19.30
N VAL C 63 -8.26 -15.71 18.62
CA VAL C 63 -7.03 -16.49 18.53
C VAL C 63 -6.48 -16.78 19.92
N VAL C 64 -6.65 -15.83 20.83
CA VAL C 64 -6.36 -16.01 22.25
C VAL C 64 -7.66 -15.86 23.02
N LYS C 65 -7.99 -16.87 23.84
CA LYS C 65 -9.25 -16.84 24.58
C LYS C 65 -9.17 -15.87 25.75
N ASP C 66 -8.09 -15.94 26.54
CA ASP C 66 -7.92 -15.04 27.67
C ASP C 66 -6.45 -15.07 28.05
N GLU C 67 -6.11 -14.35 29.13
CA GLU C 67 -4.72 -14.20 29.54
C GLU C 67 -4.17 -15.43 30.25
N HIS C 68 -4.98 -16.47 30.47
CA HIS C 68 -4.51 -17.68 31.11
C HIS C 68 -4.22 -18.82 30.14
N GLN C 69 -4.71 -18.71 28.91
CA GLN C 69 -4.49 -19.76 27.92
C GLN C 69 -3.01 -20.03 27.74
N VAL C 70 -2.65 -21.31 27.76
CA VAL C 70 -1.26 -21.73 27.68
C VAL C 70 -0.90 -22.05 26.23
N PHE C 71 0.20 -21.47 25.77
CA PHE C 71 0.76 -21.76 24.46
C PHE C 71 2.00 -22.62 24.67
N LYS C 72 1.90 -23.90 24.34
CA LYS C 72 2.95 -24.86 24.63
C LYS C 72 4.19 -24.58 23.79
N TRP C 73 5.36 -24.76 24.40
CA TRP C 73 6.62 -24.74 23.67
C TRP C 73 6.57 -25.75 22.54
N ASP C 74 7.01 -25.33 21.35
CA ASP C 74 6.97 -26.22 20.20
C ASP C 74 8.13 -27.21 20.18
N GLY C 75 9.02 -27.17 21.16
CA GLY C 75 10.12 -28.11 21.25
C GLY C 75 11.40 -27.70 20.54
N GLN C 76 11.44 -26.53 19.91
CA GLN C 76 12.67 -26.06 19.27
C GLN C 76 13.49 -25.25 20.27
N THR C 77 14.69 -25.72 20.59
CA THR C 77 15.57 -24.97 21.46
C THR C 77 16.06 -23.73 20.73
N ARG C 78 15.73 -22.55 21.24
CA ARG C 78 16.16 -21.29 20.67
C ARG C 78 17.17 -20.62 21.59
N ASP C 79 17.78 -19.54 21.09
CA ASP C 79 18.93 -18.93 21.76
C ASP C 79 18.55 -18.15 23.01
N ILE C 80 17.27 -17.95 23.26
CA ILE C 80 16.79 -17.24 24.45
C ILE C 80 16.10 -18.25 25.36
N ALA C 81 16.73 -18.56 26.49
CA ALA C 81 16.25 -19.65 27.34
C ALA C 81 14.79 -19.48 27.72
N THR C 82 14.38 -18.26 28.09
CA THR C 82 13.00 -18.04 28.54
C THR C 82 11.98 -18.36 27.45
N TRP C 83 12.40 -18.43 26.19
CA TRP C 83 11.49 -18.79 25.11
C TRP C 83 11.21 -20.29 25.06
N ASN C 84 12.06 -21.09 25.68
CA ASN C 84 11.95 -22.56 25.60
C ASN C 84 11.13 -23.12 26.77
N ARG C 85 9.90 -22.62 26.88
CA ARG C 85 9.00 -23.03 27.94
C ARG C 85 7.59 -22.65 27.54
N ASP C 86 6.62 -23.15 28.30
CA ASP C 86 5.23 -22.74 28.07
C ASP C 86 5.03 -21.31 28.52
N HIS C 87 4.10 -20.63 27.86
CA HIS C 87 3.80 -19.23 28.14
C HIS C 87 2.31 -19.00 28.05
N ASN C 88 1.86 -17.93 28.70
CA ASN C 88 0.56 -17.35 28.46
C ASN C 88 0.77 -15.93 27.95
N LEU C 89 -0.33 -15.21 27.74
CA LEU C 89 -0.21 -13.86 27.20
C LEU C 89 0.63 -12.97 28.10
N ILE C 90 0.45 -13.09 29.41
CA ILE C 90 1.23 -12.27 30.35
C ILE C 90 2.71 -12.57 30.20
N THR C 91 3.08 -13.85 30.28
CA THR C 91 4.50 -14.19 30.21
C THR C 91 5.03 -14.00 28.80
N ALA C 92 4.21 -14.24 27.79
CA ALA C 92 4.68 -14.07 26.42
C ALA C 92 5.10 -12.62 26.16
N MET C 93 4.36 -11.66 26.71
CA MET C 93 4.77 -10.27 26.56
C MET C 93 5.91 -9.90 27.49
N LYS C 94 5.92 -10.45 28.70
CA LYS C 94 7.00 -10.16 29.64
C LYS C 94 8.35 -10.53 29.04
N TYR C 95 8.46 -11.71 28.44
CA TYR C 95 9.73 -12.19 27.91
C TYR C 95 9.82 -12.00 26.40
N SER C 96 8.92 -11.23 25.80
CA SER C 96 8.96 -10.89 24.39
C SER C 96 9.19 -12.14 23.52
N VAL C 97 8.27 -13.09 23.64
CA VAL C 97 8.45 -14.43 23.09
C VAL C 97 7.98 -14.40 21.63
N VAL C 98 8.92 -14.09 20.73
CA VAL C 98 8.59 -13.96 19.31
C VAL C 98 7.85 -15.18 18.75
N PRO C 99 8.32 -16.42 18.95
CA PRO C 99 7.64 -17.55 18.31
C PRO C 99 6.18 -17.68 18.66
N VAL C 100 5.78 -17.28 19.87
CA VAL C 100 4.36 -17.31 20.23
C VAL C 100 3.57 -16.34 19.37
N TYR C 101 4.11 -15.13 19.18
CA TYR C 101 3.38 -14.13 18.41
C TYR C 101 3.40 -14.43 16.92
N GLN C 102 4.42 -15.12 16.45
CA GLN C 102 4.41 -15.55 15.05
C GLN C 102 3.26 -16.51 14.80
N GLU C 103 2.99 -17.40 15.76
CA GLU C 103 1.84 -18.30 15.62
C GLU C 103 0.53 -17.53 15.65
N PHE C 104 0.41 -16.55 16.56
CA PHE C 104 -0.75 -15.66 16.54
C PHE C 104 -0.97 -15.09 15.14
N ALA C 105 0.09 -14.53 14.54
CA ALA C 105 -0.05 -13.83 13.26
C ALA C 105 -0.50 -14.77 12.15
N ARG C 106 0.04 -15.99 12.11
CA ARG C 106 -0.38 -16.94 11.10
C ARG C 106 -1.86 -17.24 11.20
N GLN C 107 -2.38 -17.34 12.43
CA GLN C 107 -3.80 -17.62 12.59
C GLN C 107 -4.64 -16.40 12.28
N ILE C 108 -4.13 -15.21 12.57
CA ILE C 108 -4.83 -13.98 12.19
C ILE C 108 -4.98 -13.89 10.68
N GLY C 109 -3.87 -14.05 9.96
CA GLY C 109 -3.86 -14.00 8.51
C GLY C 109 -3.62 -12.59 7.98
N GLU C 110 -3.16 -12.54 6.73
CA GLU C 110 -2.78 -11.27 6.11
C GLU C 110 -3.97 -10.32 6.03
N ALA C 111 -5.10 -10.81 5.54
CA ALA C 111 -6.24 -9.93 5.31
C ALA C 111 -6.71 -9.29 6.61
N ARG C 112 -6.95 -10.09 7.65
CA ARG C 112 -7.46 -9.53 8.90
C ARG C 112 -6.42 -8.66 9.58
N MET C 113 -5.15 -9.05 9.51
CA MET C 113 -4.09 -8.21 10.07
C MET C 113 -4.07 -6.84 9.39
N SER C 114 -4.12 -6.84 8.06
CA SER C 114 -4.09 -5.58 7.31
C SER C 114 -5.29 -4.71 7.65
N LYS C 115 -6.49 -5.30 7.65
CA LYS C 115 -7.70 -4.55 7.96
C LYS C 115 -7.61 -3.91 9.34
N MET C 116 -7.09 -4.65 10.32
CA MET C 116 -7.05 -4.16 11.70
C MET C 116 -6.05 -3.02 11.88
N LEU C 117 -4.89 -3.12 11.25
CA LEU C 117 -3.91 -2.05 11.40
C LEU C 117 -4.39 -0.77 10.75
N HIS C 118 -5.18 -0.86 9.67
CA HIS C 118 -5.81 0.32 9.12
C HIS C 118 -6.82 0.91 10.10
N ALA C 119 -7.63 0.06 10.72
CA ALA C 119 -8.59 0.56 11.70
C ALA C 119 -7.86 1.20 12.87
N PHE C 120 -6.68 0.71 13.22
CA PHE C 120 -5.91 1.31 14.30
C PHE C 120 -5.19 2.59 13.89
N ASP C 121 -5.14 2.90 12.59
CA ASP C 121 -4.37 4.05 12.11
C ASP C 121 -2.90 3.92 12.51
N TYR C 122 -2.40 2.68 12.45
CA TYR C 122 -1.12 2.30 13.03
C TYR C 122 0.02 2.50 12.03
N GLY C 123 0.90 3.45 12.30
CA GLY C 123 2.09 3.64 11.49
C GLY C 123 1.74 3.87 10.04
N ASN C 124 2.55 3.30 9.14
CA ASN C 124 2.26 3.39 7.71
C ASN C 124 1.30 2.32 7.23
N GLU C 125 0.81 1.45 8.12
CA GLU C 125 -0.26 0.49 7.82
C GLU C 125 0.16 -0.52 6.74
N ASP C 126 1.46 -0.76 6.59
CA ASP C 126 2.00 -1.58 5.50
C ASP C 126 2.55 -2.87 6.09
N ILE C 127 1.90 -3.99 5.80
CA ILE C 127 2.32 -5.29 6.32
C ILE C 127 3.13 -6.09 5.30
N SER C 128 3.67 -5.43 4.28
CA SER C 128 4.40 -6.15 3.24
C SER C 128 5.48 -7.03 3.85
N GLY C 129 5.58 -8.25 3.35
CA GLY C 129 6.49 -9.24 3.90
C GLY C 129 5.80 -10.50 4.36
N ASN C 130 6.47 -11.30 5.19
CA ASN C 130 5.84 -12.49 5.76
C ASN C 130 4.84 -12.10 6.82
N VAL C 131 3.68 -12.75 6.82
CA VAL C 131 2.63 -12.44 7.78
C VAL C 131 3.12 -12.66 9.20
N ASP C 132 4.13 -13.51 9.38
CA ASP C 132 4.67 -13.84 10.68
C ASP C 132 6.04 -13.22 10.93
N SER C 133 6.42 -12.18 10.16
CA SER C 133 7.67 -11.50 10.47
C SER C 133 7.74 -10.05 9.96
N PHE C 134 6.63 -9.51 9.44
CA PHE C 134 6.71 -8.19 8.80
C PHE C 134 7.09 -7.10 9.79
N TRP C 135 6.78 -7.28 11.07
CA TRP C 135 7.16 -6.28 12.07
C TRP C 135 8.63 -6.38 12.48
N LEU C 136 9.34 -7.40 12.03
CA LEU C 136 10.78 -7.55 12.27
C LEU C 136 11.64 -7.29 11.06
N ASP C 137 11.14 -7.61 9.86
CA ASP C 137 11.94 -7.40 8.65
C ASP C 137 11.07 -7.11 7.43
N GLY C 138 9.82 -6.70 7.63
CA GLY C 138 8.94 -6.32 6.55
C GLY C 138 8.91 -4.82 6.34
N GLY C 139 7.78 -4.33 5.80
CA GLY C 139 7.64 -2.96 5.39
C GLY C 139 6.95 -2.02 6.36
N ILE C 140 6.49 -2.51 7.52
CA ILE C 140 5.76 -1.66 8.45
C ILE C 140 6.74 -0.71 9.14
N ARG C 141 6.28 0.52 9.36
CA ARG C 141 7.10 1.55 9.99
C ARG C 141 6.21 2.43 10.85
N ILE C 142 6.76 2.91 11.95
CA ILE C 142 6.01 3.75 12.88
C ILE C 142 6.99 4.65 13.61
N SER C 143 6.59 5.89 13.84
CA SER C 143 7.41 6.84 14.59
C SER C 143 7.03 6.85 16.06
N ALA C 144 7.90 7.47 16.85
CA ALA C 144 7.62 7.60 18.28
C ALA C 144 6.34 8.39 18.54
N THR C 145 6.12 9.48 17.80
CA THR C 145 4.89 10.24 18.01
C THR C 145 3.67 9.42 17.61
N GLU C 146 3.80 8.60 16.57
CA GLU C 146 2.70 7.73 16.15
C GLU C 146 2.45 6.62 17.17
N GLN C 147 3.49 6.13 17.83
CA GLN C 147 3.31 5.19 18.93
C GLN C 147 2.47 5.82 20.04
N ILE C 148 2.78 7.06 20.41
CA ILE C 148 2.03 7.74 21.45
C ILE C 148 0.57 7.90 21.04
N SER C 149 0.33 8.32 19.79
CA SER C 149 -1.05 8.47 19.31
C SER C 149 -1.82 7.17 19.43
N PHE C 150 -1.17 6.06 19.07
CA PHE C 150 -1.81 4.75 19.19
C PHE C 150 -2.05 4.41 20.66
N LEU C 151 -1.07 4.63 21.52
CA LEU C 151 -1.22 4.28 22.93
C LEU C 151 -2.33 5.09 23.59
N ARG C 152 -2.48 6.35 23.20
CA ARG C 152 -3.53 7.17 23.80
C ARG C 152 -4.91 6.59 23.52
N LYS C 153 -5.14 6.08 22.30
CA LYS C 153 -6.40 5.42 22.00
C LYS C 153 -6.60 4.21 22.89
N LEU C 154 -5.54 3.40 23.04
CA LEU C 154 -5.63 2.23 23.91
C LEU C 154 -6.00 2.64 25.33
N TYR C 155 -5.31 3.64 25.86
CA TYR C 155 -5.57 4.06 27.24
C TYR C 155 -7.03 4.40 27.44
N HIS C 156 -7.64 5.06 26.45
CA HIS C 156 -9.03 5.50 26.55
C HIS C 156 -10.03 4.49 26.02
N ASN C 157 -9.59 3.28 25.70
CA ASN C 157 -10.47 2.24 25.15
C ASN C 157 -11.11 2.69 23.84
N LYS C 158 -10.38 3.47 23.05
CA LYS C 158 -10.93 4.03 21.83
C LYS C 158 -10.55 3.27 20.57
N LEU C 159 -9.69 2.25 20.68
CA LEU C 159 -9.41 1.42 19.51
C LEU C 159 -10.66 0.60 19.14
N HIS C 160 -10.72 0.22 17.87
CA HIS C 160 -11.90 -0.44 17.33
C HIS C 160 -11.83 -1.94 17.53
N VAL C 161 -11.61 -2.30 18.81
CA VAL C 161 -11.78 -3.66 19.31
C VAL C 161 -12.54 -3.53 20.62
N SER C 162 -12.92 -4.68 21.19
CA SER C 162 -13.75 -4.66 22.39
C SER C 162 -13.00 -4.04 23.56
N GLU C 163 -13.78 -3.51 24.50
CA GLU C 163 -13.18 -3.01 25.74
C GLU C 163 -12.41 -4.11 26.45
N ARG C 164 -12.97 -5.33 26.46
CA ARG C 164 -12.30 -6.43 27.14
C ARG C 164 -10.89 -6.65 26.58
N SER C 165 -10.76 -6.73 25.25
CA SER C 165 -9.46 -6.95 24.64
C SER C 165 -8.47 -5.86 25.04
N GLN C 166 -8.93 -4.61 25.07
CA GLN C 166 -8.04 -3.52 25.44
C GLN C 166 -7.65 -3.61 26.91
N ARG C 167 -8.59 -3.95 27.80
CA ARG C 167 -8.23 -4.11 29.21
C ARG C 167 -7.22 -5.23 29.40
N ILE C 168 -7.38 -6.34 28.68
CA ILE C 168 -6.48 -7.46 28.88
C ILE C 168 -5.07 -7.09 28.43
N VAL C 169 -4.94 -6.41 27.29
CA VAL C 169 -3.61 -6.04 26.82
C VAL C 169 -2.95 -5.04 27.77
N LYS C 170 -3.72 -4.09 28.28
CA LYS C 170 -3.16 -3.15 29.24
C LYS C 170 -2.70 -3.86 30.51
N GLN C 171 -3.41 -4.93 30.90
CA GLN C 171 -2.93 -5.76 32.00
C GLN C 171 -1.58 -6.40 31.65
N ALA C 172 -1.48 -6.97 30.45
CA ALA C 172 -0.23 -7.61 30.03
C ALA C 172 0.92 -6.63 29.87
N MET C 173 0.64 -5.34 29.70
CA MET C 173 1.68 -4.35 29.56
C MET C 173 2.28 -3.92 30.90
N LEU C 174 1.67 -4.35 32.00
CA LEU C 174 2.12 -3.92 33.32
C LEU C 174 3.59 -4.26 33.51
N THR C 175 4.39 -3.25 33.83
CA THR C 175 5.83 -3.38 33.93
C THR C 175 6.34 -3.06 35.34
N GLU C 176 5.82 -2.00 35.97
CA GLU C 176 6.28 -1.58 37.27
C GLU C 176 5.15 -0.86 37.98
N ALA C 177 5.04 -1.08 39.30
CA ALA C 177 4.04 -0.39 40.09
C ALA C 177 4.53 -0.26 41.52
N ASN C 178 4.38 0.94 42.08
CA ASN C 178 4.72 1.23 43.47
C ASN C 178 3.80 2.33 43.96
N GLY C 179 4.06 2.83 45.17
CA GLY C 179 3.23 3.87 45.74
C GLY C 179 3.27 5.19 44.99
N ASP C 180 4.22 5.38 44.09
CA ASP C 180 4.39 6.64 43.40
C ASP C 180 3.89 6.62 41.96
N TYR C 181 3.99 5.51 41.26
CA TYR C 181 3.57 5.49 39.87
C TYR C 181 3.33 4.05 39.41
N ILE C 182 2.66 3.95 38.27
CA ILE C 182 2.47 2.70 37.53
C ILE C 182 2.98 2.92 36.11
N ILE C 183 3.72 1.95 35.58
CA ILE C 183 4.18 1.95 34.20
C ILE C 183 3.59 0.77 33.48
N ARG C 184 2.90 1.05 32.37
CA ARG C 184 2.49 0.02 31.42
C ARG C 184 3.22 0.32 30.11
N ALA C 185 3.96 -0.65 29.60
CA ALA C 185 4.92 -0.37 28.54
C ALA C 185 5.34 -1.66 27.87
N LYS C 186 6.06 -1.52 26.76
CA LYS C 186 6.60 -2.66 26.03
C LYS C 186 7.91 -2.27 25.38
N THR C 187 8.91 -3.14 25.50
CA THR C 187 10.20 -2.93 24.87
C THR C 187 10.20 -3.44 23.44
N GLY C 188 11.17 -2.98 22.67
CA GLY C 188 11.37 -3.46 21.32
C GLY C 188 12.85 -3.50 21.01
N TYR C 189 13.21 -4.41 20.12
CA TYR C 189 14.62 -4.57 19.73
C TYR C 189 14.64 -5.00 18.27
N SER C 190 15.06 -4.11 17.37
CA SER C 190 15.01 -4.33 15.93
C SER C 190 16.44 -4.56 15.42
N THR C 191 16.70 -5.77 14.96
CA THR C 191 18.05 -6.18 14.58
C THR C 191 18.17 -6.70 13.16
N ARG C 192 17.06 -7.05 12.49
CA ARG C 192 17.16 -7.74 11.22
C ARG C 192 17.46 -6.80 10.06
N ILE C 193 17.14 -5.51 10.20
CA ILE C 193 17.36 -4.52 9.14
C ILE C 193 17.94 -3.26 9.76
N GLU C 194 18.95 -2.70 9.09
CA GLU C 194 19.55 -1.47 9.57
C GLU C 194 18.55 -0.32 9.46
N PRO C 195 18.62 0.66 10.38
CA PRO C 195 19.53 0.70 11.53
C PRO C 195 19.02 -0.12 12.71
N LYS C 196 19.93 -0.78 13.43
CA LYS C 196 19.56 -1.49 14.64
C LYS C 196 19.23 -0.48 15.74
N ILE C 197 18.04 -0.64 16.34
CA ILE C 197 17.54 0.29 17.36
C ILE C 197 16.84 -0.49 18.46
N GLY C 198 16.67 0.18 19.60
CA GLY C 198 15.82 -0.31 20.67
C GLY C 198 14.67 0.66 20.91
N TRP C 199 13.53 0.10 21.33
CA TRP C 199 12.32 0.84 21.65
C TRP C 199 11.95 0.70 23.12
N TRP C 200 11.24 1.70 23.65
CA TRP C 200 10.43 1.54 24.85
C TRP C 200 9.28 2.53 24.73
N VAL C 201 8.05 2.01 24.72
CA VAL C 201 6.85 2.82 24.55
C VAL C 201 5.85 2.42 25.64
N GLY C 202 5.10 3.39 26.14
CA GLY C 202 4.09 3.11 27.14
C GLY C 202 3.59 4.40 27.78
N TRP C 203 3.22 4.30 29.05
CA TRP C 203 2.82 5.48 29.78
C TRP C 203 3.06 5.29 31.27
N VAL C 204 3.05 6.41 31.97
CA VAL C 204 3.24 6.47 33.42
C VAL C 204 1.94 7.00 34.00
N GLU C 205 1.32 6.21 34.88
CA GLU C 205 0.09 6.62 35.54
C GLU C 205 0.42 7.27 36.87
N LEU C 206 -0.04 8.49 37.06
CA LEU C 206 0.06 9.19 38.33
C LEU C 206 -1.32 9.33 38.93
N ASP C 207 -1.37 9.84 40.17
CA ASP C 207 -2.65 10.03 40.85
C ASP C 207 -3.61 10.85 39.98
N ASP C 208 -3.13 11.94 39.38
CA ASP C 208 -4.01 12.91 38.72
C ASP C 208 -3.57 13.24 37.29
N ASN C 209 -2.75 12.40 36.66
CA ASN C 209 -2.34 12.66 35.28
C ASN C 209 -1.74 11.39 34.71
N VAL C 210 -1.54 11.41 33.39
CA VAL C 210 -0.85 10.33 32.69
C VAL C 210 0.16 10.94 31.74
N TRP C 211 1.39 10.43 31.77
CA TRP C 211 2.44 10.85 30.88
C TRP C 211 2.74 9.70 29.93
N PHE C 212 2.41 9.87 28.66
CA PHE C 212 2.75 8.88 27.65
C PHE C 212 4.18 9.09 27.20
N PHE C 213 4.86 8.00 26.85
CA PHE C 213 6.25 8.09 26.41
C PHE C 213 6.53 7.10 25.28
N ALA C 214 7.47 7.49 24.42
CA ALA C 214 7.98 6.60 23.38
C ALA C 214 9.42 7.01 23.13
N MET C 215 10.32 6.05 23.24
CA MET C 215 11.73 6.32 23.02
C MET C 215 12.28 5.29 22.06
N ASN C 216 13.24 5.70 21.23
CA ASN C 216 14.07 4.74 20.52
C ASN C 216 15.49 5.28 20.51
N MET C 217 16.42 4.35 20.32
CA MET C 217 17.85 4.66 20.38
C MET C 217 18.61 3.66 19.53
N ASP C 218 19.75 4.09 19.00
CA ASP C 218 20.61 3.19 18.26
C ASP C 218 21.13 2.08 19.18
N MET C 219 21.14 0.85 18.67
CA MET C 219 21.48 -0.32 19.47
C MET C 219 22.38 -1.23 18.65
N PRO C 220 23.64 -0.82 18.49
CA PRO C 220 24.57 -1.65 17.69
C PRO C 220 24.80 -3.02 18.30
N THR C 221 24.67 -3.14 19.61
CA THR C 221 24.87 -4.40 20.31
C THR C 221 23.82 -4.53 21.40
N SER C 222 23.55 -5.77 21.80
CA SER C 222 22.59 -6.04 22.87
C SER C 222 23.07 -5.56 24.22
N ASP C 223 24.32 -5.09 24.34
CA ASP C 223 24.87 -4.71 25.64
C ASP C 223 24.21 -3.46 26.20
N GLY C 224 23.59 -2.64 25.35
CA GLY C 224 22.96 -1.41 25.79
C GLY C 224 21.47 -1.48 25.97
N LEU C 225 20.88 -2.66 25.96
CA LEU C 225 19.42 -2.75 26.01
C LEU C 225 18.86 -2.15 27.30
N GLY C 226 19.60 -2.28 28.40
CA GLY C 226 19.15 -1.71 29.66
C GLY C 226 19.07 -0.20 29.64
N LEU C 227 19.70 0.43 28.63
CA LEU C 227 19.63 1.89 28.52
C LEU C 227 18.28 2.38 28.08
N ARG C 228 17.49 1.54 27.41
CA ARG C 228 16.16 1.95 26.97
C ARG C 228 15.35 2.46 28.15
N GLN C 229 15.30 1.69 29.24
CA GLN C 229 14.57 2.11 30.43
C GLN C 229 15.36 3.13 31.24
N ALA C 230 16.68 2.97 31.33
CA ALA C 230 17.48 3.85 32.18
C ALA C 230 17.44 5.29 31.67
N ILE C 231 17.61 5.49 30.36
CA ILE C 231 17.60 6.85 29.83
C ILE C 231 16.20 7.46 30.00
N THR C 232 15.16 6.69 29.65
CA THR C 232 13.79 7.18 29.83
C THR C 232 13.55 7.62 31.26
N LYS C 233 14.00 6.82 32.24
CA LYS C 233 13.74 7.15 33.63
C LYS C 233 14.52 8.37 34.07
N GLU C 234 15.70 8.62 33.48
CA GLU C 234 16.44 9.83 33.81
C GLU C 234 15.72 11.07 33.34
N VAL C 235 15.09 11.01 32.16
CA VAL C 235 14.28 12.13 31.69
C VAL C 235 13.08 12.33 32.61
N LEU C 236 12.40 11.23 32.96
CA LEU C 236 11.25 11.32 33.85
C LEU C 236 11.63 11.94 35.20
N LYS C 237 12.79 11.56 35.75
CA LYS C 237 13.22 12.14 37.02
C LYS C 237 13.59 13.61 36.87
N GLN C 238 14.29 13.95 35.79
CA GLN C 238 14.65 15.36 35.57
C GLN C 238 13.40 16.22 35.48
N GLU C 239 12.35 15.72 34.85
CA GLU C 239 11.09 16.44 34.73
C GLU C 239 10.21 16.27 35.95
N LYS C 240 10.72 15.64 37.01
CA LYS C 240 9.99 15.52 38.27
C LYS C 240 8.62 14.85 38.06
N ILE C 241 8.59 13.89 37.14
CA ILE C 241 7.41 13.05 36.95
C ILE C 241 7.44 11.84 37.86
N ILE C 242 8.62 11.29 38.09
CA ILE C 242 8.84 10.24 39.08
C ILE C 242 9.93 10.73 40.01
N PRO C 243 9.98 10.21 41.25
CA PRO C 243 11.02 10.63 42.19
C PRO C 243 12.41 10.13 41.79
N GLU D 2 -39.22 10.83 1.27
CA GLU D 2 -37.95 11.57 1.22
C GLU D 2 -36.80 10.69 1.70
N TRP D 3 -35.63 10.95 1.12
CA TRP D 3 -34.43 10.18 1.42
C TRP D 3 -33.31 11.14 1.80
N GLN D 4 -32.52 10.75 2.80
CA GLN D 4 -31.37 11.52 3.25
C GLN D 4 -30.15 10.62 3.23
N GLU D 5 -29.04 11.15 2.72
CA GLU D 5 -27.79 10.42 2.60
C GLU D 5 -26.86 10.80 3.74
N ASN D 6 -26.39 9.80 4.48
CA ASN D 6 -25.52 10.02 5.63
C ASN D 6 -24.22 9.24 5.37
N LYS D 7 -23.23 9.93 4.80
CA LYS D 7 -21.99 9.26 4.42
C LYS D 7 -21.11 8.94 5.62
N SER D 8 -21.47 9.39 6.82
CA SER D 8 -20.69 9.01 7.99
C SER D 8 -20.77 7.51 8.25
N TRP D 9 -21.86 6.87 7.82
CA TRP D 9 -21.95 5.42 7.97
C TRP D 9 -20.88 4.69 7.18
N ASN D 10 -20.34 5.33 6.15
CA ASN D 10 -19.31 4.68 5.33
C ASN D 10 -18.12 4.25 6.18
N ALA D 11 -17.87 4.95 7.29
CA ALA D 11 -16.78 4.56 8.17
C ALA D 11 -16.93 3.13 8.66
N HIS D 12 -18.18 2.69 8.88
CA HIS D 12 -18.41 1.32 9.34
C HIS D 12 -17.99 0.30 8.29
N PHE D 13 -18.06 0.67 7.01
CA PHE D 13 -17.57 -0.19 5.96
C PHE D 13 -16.07 -0.02 5.76
N THR D 14 -15.57 1.22 5.88
CA THR D 14 -14.15 1.48 5.68
C THR D 14 -13.31 0.78 6.75
N GLU D 15 -13.88 0.59 7.94
CA GLU D 15 -13.12 -0.02 9.02
C GLU D 15 -12.65 -1.41 8.62
N HIS D 16 -13.44 -2.11 7.81
CA HIS D 16 -13.16 -3.48 7.40
C HIS D 16 -12.70 -3.56 5.95
N LYS D 17 -12.29 -2.44 5.35
CA LYS D 17 -11.85 -2.40 3.95
C LYS D 17 -12.87 -3.08 3.03
N SER D 18 -14.14 -2.78 3.27
CA SER D 18 -15.23 -3.35 2.49
C SER D 18 -16.10 -2.23 1.93
N GLN D 19 -17.09 -2.63 1.13
CA GLN D 19 -17.98 -1.70 0.47
C GLN D 19 -19.39 -2.25 0.49
N GLY D 20 -20.36 -1.40 0.75
CA GLY D 20 -21.73 -1.83 0.78
C GLY D 20 -22.65 -0.67 1.12
N VAL D 21 -23.92 -1.01 1.33
CA VAL D 21 -24.93 -0.01 1.61
C VAL D 21 -25.81 -0.51 2.74
N VAL D 22 -26.24 0.42 3.60
CA VAL D 22 -27.30 0.18 4.57
C VAL D 22 -28.43 1.15 4.25
N VAL D 23 -29.64 0.62 4.18
CA VAL D 23 -30.84 1.42 3.96
C VAL D 23 -31.76 1.22 5.16
N LEU D 24 -32.19 2.32 5.76
CA LEU D 24 -33.13 2.30 6.87
C LEU D 24 -34.40 3.06 6.48
N TRP D 25 -35.54 2.59 6.98
CA TRP D 25 -36.82 3.22 6.76
C TRP D 25 -37.56 3.37 8.08
N ASN D 26 -37.86 4.60 8.45
CA ASN D 26 -38.63 4.94 9.66
C ASN D 26 -40.11 4.92 9.29
N GLU D 27 -40.83 3.92 9.82
CA GLU D 27 -42.23 3.72 9.42
C GLU D 27 -43.11 4.86 9.88
N ASN D 28 -42.98 5.27 11.15
CA ASN D 28 -43.85 6.32 11.66
C ASN D 28 -43.72 7.58 10.81
N LYS D 29 -42.49 7.96 10.50
CA LYS D 29 -42.22 9.22 9.83
C LYS D 29 -42.20 9.11 8.31
N GLN D 30 -42.24 7.91 7.76
CA GLN D 30 -42.22 7.72 6.31
C GLN D 30 -41.00 8.41 5.71
N GLN D 31 -39.83 8.10 6.28
CA GLN D 31 -38.56 8.68 5.85
C GLN D 31 -37.51 7.59 5.76
N GLY D 32 -36.64 7.70 4.77
CA GLY D 32 -35.57 6.75 4.54
C GLY D 32 -34.20 7.35 4.73
N PHE D 33 -33.22 6.50 5.02
CA PHE D 33 -31.86 6.94 5.28
C PHE D 33 -30.88 5.91 4.75
N THR D 34 -29.82 6.37 4.12
CA THR D 34 -28.81 5.46 3.58
C THR D 34 -27.48 6.20 3.47
N ASN D 35 -26.41 5.41 3.42
CA ASN D 35 -25.09 5.98 3.18
C ASN D 35 -24.77 6.15 1.71
N ASN D 36 -25.56 5.58 0.81
CA ASN D 36 -25.21 5.56 -0.62
C ASN D 36 -26.52 5.41 -1.41
N LEU D 37 -27.07 6.54 -1.82
CA LEU D 37 -28.34 6.55 -2.55
C LEU D 37 -28.27 5.70 -3.81
N LYS D 38 -27.14 5.74 -4.52
CA LYS D 38 -27.02 4.99 -5.76
C LYS D 38 -27.07 3.49 -5.51
N ARG D 39 -26.20 2.98 -4.63
CA ARG D 39 -26.19 1.55 -4.40
C ARG D 39 -27.48 1.09 -3.74
N ALA D 40 -28.15 1.97 -3.00
CA ALA D 40 -29.43 1.61 -2.39
C ALA D 40 -30.44 1.16 -3.45
N ASN D 41 -30.28 1.63 -4.68
CA ASN D 41 -31.19 1.29 -5.77
C ASN D 41 -30.55 0.36 -6.78
N GLN D 42 -29.37 -0.17 -6.49
CA GLN D 42 -28.73 -1.13 -7.38
C GLN D 42 -29.30 -2.53 -7.13
N ALA D 43 -29.67 -3.21 -8.20
CA ALA D 43 -30.39 -4.47 -8.11
C ALA D 43 -29.40 -5.63 -8.23
N PHE D 44 -29.46 -6.55 -7.28
CA PHE D 44 -28.61 -7.74 -7.25
C PHE D 44 -29.48 -8.99 -7.21
N LEU D 45 -28.83 -10.13 -7.43
CA LEU D 45 -29.47 -11.40 -7.15
C LEU D 45 -29.89 -11.41 -5.68
N PRO D 46 -31.09 -11.85 -5.33
CA PRO D 46 -31.49 -11.88 -3.91
C PRO D 46 -30.88 -13.02 -3.13
N ALA D 47 -30.48 -14.10 -3.81
CA ALA D 47 -29.95 -15.30 -3.15
C ALA D 47 -30.88 -15.71 -2.01
N SER D 48 -30.34 -16.06 -0.85
CA SER D 48 -31.17 -16.67 0.19
C SER D 48 -32.16 -15.69 0.81
N THR D 49 -32.11 -14.39 0.50
CA THR D 49 -33.22 -13.53 0.93
C THR D 49 -34.50 -13.87 0.20
N PHE D 50 -34.41 -14.59 -0.92
CA PHE D 50 -35.58 -15.02 -1.68
C PHE D 50 -36.40 -16.05 -0.91
N KCX D 51 -35.85 -16.60 0.16
CA KCX D 51 -36.59 -17.60 0.94
CB KCX D 51 -35.69 -18.26 1.97
CG KCX D 51 -34.66 -19.21 1.34
CD KCX D 51 -33.88 -20.02 2.36
CE KCX D 51 -33.00 -21.09 1.67
NZ KCX D 51 -31.95 -20.44 0.81
C KCX D 51 -37.83 -16.98 1.60
O KCX D 51 -38.74 -17.70 2.00
CX KCX D 51 -32.04 -20.38 -0.52
OQ1 KCX D 51 -31.15 -19.81 -1.18
OQ2 KCX D 51 -33.02 -20.87 -1.09
H KCX D 51 -35.07 -16.43 0.46
HA KCX D 51 -36.91 -18.30 0.33
HB2 KCX D 51 -36.23 -18.78 2.59
HG2 KCX D 51 -35.12 -19.83 0.75
HD2 KCX D 51 -33.29 -19.42 2.85
HE2 KCX D 51 -32.55 -21.61 2.35
N ILE D 52 -37.87 -15.65 1.69
CA ILE D 52 -39.06 -14.99 2.23
C ILE D 52 -40.22 -15.14 1.25
N PRO D 53 -40.11 -14.61 0.02
CA PRO D 53 -41.20 -14.82 -0.94
C PRO D 53 -41.45 -16.28 -1.27
N ASN D 54 -40.39 -17.08 -1.35
CA ASN D 54 -40.58 -18.51 -1.65
C ASN D 54 -41.40 -19.18 -0.56
N SER D 55 -41.12 -18.88 0.72
CA SER D 55 -41.90 -19.43 1.82
C SER D 55 -43.36 -19.02 1.71
N LEU D 56 -43.61 -17.74 1.44
CA LEU D 56 -44.97 -17.25 1.31
C LEU D 56 -45.72 -18.03 0.23
N ILE D 57 -45.09 -18.19 -0.94
CA ILE D 57 -45.76 -18.84 -2.06
C ILE D 57 -46.04 -20.30 -1.73
N ALA D 58 -45.05 -21.00 -1.17
CA ALA D 58 -45.24 -22.41 -0.87
C ALA D 58 -46.36 -22.61 0.15
N LEU D 59 -46.45 -21.72 1.15
CA LEU D 59 -47.50 -21.85 2.15
C LEU D 59 -48.88 -21.57 1.54
N ASP D 60 -48.98 -20.52 0.73
CA ASP D 60 -50.31 -20.14 0.21
C ASP D 60 -50.83 -21.16 -0.79
N LEU D 61 -49.94 -21.88 -1.46
CA LEU D 61 -50.35 -22.90 -2.42
C LEU D 61 -50.54 -24.27 -1.79
N GLY D 62 -50.19 -24.44 -0.52
CA GLY D 62 -50.30 -25.72 0.13
C GLY D 62 -49.11 -26.64 -0.07
N VAL D 63 -48.07 -26.18 -0.76
CA VAL D 63 -46.84 -26.96 -0.84
C VAL D 63 -46.29 -27.21 0.55
N VAL D 64 -46.40 -26.22 1.44
CA VAL D 64 -46.08 -26.37 2.85
C VAL D 64 -47.37 -26.19 3.63
N LYS D 65 -47.73 -27.20 4.41
CA LYS D 65 -49.01 -27.14 5.13
C LYS D 65 -48.92 -26.23 6.36
N ASP D 66 -47.83 -26.34 7.12
CA ASP D 66 -47.64 -25.46 8.28
C ASP D 66 -46.17 -25.51 8.66
N GLU D 67 -45.83 -24.79 9.73
CA GLU D 67 -44.43 -24.64 10.14
C GLU D 67 -43.90 -25.86 10.88
N HIS D 68 -44.72 -26.90 11.07
CA HIS D 68 -44.26 -28.15 11.71
C HIS D 68 -43.99 -29.26 10.70
N GLN D 69 -44.45 -29.14 9.47
CA GLN D 69 -44.24 -30.20 8.49
C GLN D 69 -42.76 -30.47 8.32
N VAL D 70 -42.38 -31.74 8.38
CA VAL D 70 -40.98 -32.15 8.30
C VAL D 70 -40.62 -32.48 6.86
N PHE D 71 -39.54 -31.89 6.37
CA PHE D 71 -38.98 -32.19 5.06
C PHE D 71 -37.73 -33.02 5.26
N LYS D 72 -37.81 -34.31 4.96
CA LYS D 72 -36.74 -35.23 5.27
C LYS D 72 -35.51 -34.95 4.41
N TRP D 73 -34.34 -35.09 5.02
CA TRP D 73 -33.07 -35.06 4.30
C TRP D 73 -33.08 -36.10 3.18
N ASP D 74 -32.61 -35.71 2.01
CA ASP D 74 -32.59 -36.62 0.86
C ASP D 74 -31.42 -37.60 0.88
N GLY D 75 -30.55 -37.53 1.89
CA GLY D 75 -29.46 -38.47 2.02
C GLY D 75 -28.17 -38.10 1.31
N GLN D 76 -28.13 -36.94 0.65
CA GLN D 76 -26.91 -36.47 -0.01
C GLN D 76 -26.11 -35.61 0.96
N THR D 77 -24.90 -36.04 1.28
CA THR D 77 -24.04 -35.24 2.14
C THR D 77 -23.54 -34.02 1.36
N ARG D 78 -23.87 -32.84 1.86
CA ARG D 78 -23.46 -31.57 1.29
C ARG D 78 -22.47 -30.89 2.22
N ASP D 79 -21.85 -29.80 1.74
CA ASP D 79 -20.72 -29.21 2.44
C ASP D 79 -21.11 -28.40 3.67
N ILE D 80 -22.39 -28.18 3.92
CA ILE D 80 -22.86 -27.49 5.11
C ILE D 80 -23.55 -28.52 5.99
N ALA D 81 -22.93 -28.84 7.12
CA ALA D 81 -23.39 -29.94 7.96
C ALA D 81 -24.86 -29.78 8.35
N THR D 82 -25.26 -28.56 8.71
CA THR D 82 -26.64 -28.35 9.17
C THR D 82 -27.67 -28.67 8.10
N TRP D 83 -27.26 -28.76 6.84
CA TRP D 83 -28.18 -29.13 5.77
C TRP D 83 -28.43 -30.62 5.70
N ASN D 84 -27.57 -31.43 6.31
CA ASN D 84 -27.66 -32.89 6.20
C ASN D 84 -28.49 -33.48 7.34
N ARG D 85 -29.71 -32.99 7.46
CA ARG D 85 -30.62 -33.43 8.51
C ARG D 85 -32.04 -33.03 8.10
N ASP D 86 -33.01 -33.55 8.84
CA ASP D 86 -34.40 -33.15 8.63
C ASP D 86 -34.60 -31.72 9.09
N HIS D 87 -35.55 -31.03 8.44
CA HIS D 87 -35.85 -29.65 8.74
C HIS D 87 -37.36 -29.41 8.68
N ASN D 88 -37.80 -28.37 9.36
CA ASN D 88 -39.11 -27.77 9.13
C ASN D 88 -38.90 -26.36 8.59
N LEU D 89 -40.01 -25.63 8.39
CA LEU D 89 -39.90 -24.30 7.81
C LEU D 89 -39.05 -23.38 8.69
N ILE D 90 -39.22 -23.48 10.01
CA ILE D 90 -38.46 -22.63 10.92
C ILE D 90 -36.98 -22.94 10.80
N THR D 91 -36.61 -24.21 10.90
CA THR D 91 -35.20 -24.56 10.87
C THR D 91 -34.62 -24.39 9.48
N ALA D 92 -35.42 -24.66 8.44
CA ALA D 92 -34.92 -24.50 7.08
C ALA D 92 -34.52 -23.06 6.80
N MET D 93 -35.30 -22.10 7.32
CA MET D 93 -34.91 -20.71 7.11
C MET D 93 -33.79 -20.30 8.05
N LYS D 94 -33.80 -20.81 9.29
CA LYS D 94 -32.74 -20.51 10.24
C LYS D 94 -31.38 -20.90 9.68
N TYR D 95 -31.29 -22.09 9.08
CA TYR D 95 -30.03 -22.57 8.52
C TYR D 95 -29.93 -22.39 7.01
N SER D 96 -30.85 -21.62 6.42
CA SER D 96 -30.80 -21.27 5.01
C SER D 96 -30.54 -22.52 4.14
N VAL D 97 -31.45 -23.48 4.27
CA VAL D 97 -31.25 -24.82 3.71
C VAL D 97 -31.72 -24.77 2.26
N VAL D 98 -30.78 -24.43 1.36
CA VAL D 98 -31.11 -24.31 -0.06
C VAL D 98 -31.85 -25.53 -0.61
N PRO D 99 -31.40 -26.77 -0.38
CA PRO D 99 -32.05 -27.92 -1.01
C PRO D 99 -33.54 -28.05 -0.69
N VAL D 100 -33.96 -27.65 0.51
CA VAL D 100 -35.39 -27.72 0.84
C VAL D 100 -36.18 -26.74 -0.02
N TYR D 101 -35.67 -25.52 -0.18
CA TYR D 101 -36.42 -24.52 -0.92
C TYR D 101 -36.38 -24.78 -2.42
N GLN D 102 -35.35 -25.48 -2.90
CA GLN D 102 -35.35 -25.91 -4.29
C GLN D 102 -36.49 -26.88 -4.56
N GLU D 103 -36.76 -27.79 -3.60
CA GLU D 103 -37.89 -28.69 -3.75
C GLU D 103 -39.21 -27.92 -3.71
N PHE D 104 -39.32 -26.93 -2.83
CA PHE D 104 -40.48 -26.04 -2.86
C PHE D 104 -40.69 -25.47 -4.25
N ALA D 105 -39.64 -24.90 -4.84
CA ALA D 105 -39.79 -24.20 -6.11
C ALA D 105 -40.22 -25.15 -7.21
N ARG D 106 -39.64 -26.35 -7.26
CA ARG D 106 -40.04 -27.31 -8.29
C ARG D 106 -41.52 -27.64 -8.16
N GLN D 107 -42.03 -27.78 -6.94
CA GLN D 107 -43.44 -28.08 -6.75
C GLN D 107 -44.33 -26.87 -7.05
N ILE D 108 -43.83 -25.66 -6.78
CA ILE D 108 -44.54 -24.45 -7.19
C ILE D 108 -44.65 -24.40 -8.71
N GLY D 109 -43.53 -24.57 -9.40
CA GLY D 109 -43.52 -24.54 -10.85
C GLY D 109 -43.31 -23.15 -11.40
N GLU D 110 -42.84 -23.10 -12.65
CA GLU D 110 -42.48 -21.85 -13.28
C GLU D 110 -43.68 -20.91 -13.39
N ALA D 111 -44.81 -21.43 -13.84
CA ALA D 111 -45.97 -20.57 -14.10
C ALA D 111 -46.44 -19.89 -12.82
N ARG D 112 -46.66 -20.66 -11.76
CA ARG D 112 -47.17 -20.06 -10.54
C ARG D 112 -46.14 -19.15 -9.88
N MET D 113 -44.86 -19.54 -9.92
CA MET D 113 -43.84 -18.67 -9.36
C MET D 113 -43.85 -17.30 -10.04
N SER D 114 -43.88 -17.29 -11.37
CA SER D 114 -43.85 -16.04 -12.11
C SER D 114 -45.04 -15.15 -11.78
N LYS D 115 -46.25 -15.73 -11.79
CA LYS D 115 -47.43 -14.94 -11.47
C LYS D 115 -47.35 -14.34 -10.08
N MET D 116 -46.85 -15.11 -9.11
CA MET D 116 -46.84 -14.63 -7.73
C MET D 116 -45.83 -13.53 -7.54
N LEU D 117 -44.67 -13.62 -8.18
CA LEU D 117 -43.69 -12.55 -8.06
C LEU D 117 -44.20 -11.27 -8.70
N HIS D 118 -44.99 -11.38 -9.78
CA HIS D 118 -45.61 -10.19 -10.34
C HIS D 118 -46.63 -9.61 -9.37
N ALA D 119 -47.42 -10.46 -8.72
CA ALA D 119 -48.35 -9.97 -7.70
C ALA D 119 -47.62 -9.32 -6.54
N PHE D 120 -46.41 -9.80 -6.22
CA PHE D 120 -45.63 -9.21 -5.14
C PHE D 120 -44.89 -7.94 -5.56
N ASP D 121 -44.84 -7.62 -6.85
CA ASP D 121 -44.07 -6.48 -7.34
C ASP D 121 -42.60 -6.62 -6.94
N TYR D 122 -42.10 -7.86 -7.00
CA TYR D 122 -40.80 -8.20 -6.41
C TYR D 122 -39.69 -8.00 -7.43
N GLY D 123 -38.85 -6.99 -7.19
CA GLY D 123 -37.68 -6.78 -8.04
C GLY D 123 -38.05 -6.59 -9.49
N ASN D 124 -37.23 -7.15 -10.38
CA ASN D 124 -37.56 -7.09 -11.80
C ASN D 124 -38.52 -8.18 -12.24
N GLU D 125 -38.98 -9.03 -11.32
CA GLU D 125 -40.03 -10.00 -11.61
C GLU D 125 -39.64 -11.00 -12.70
N ASP D 126 -38.34 -11.24 -12.87
CA ASP D 126 -37.81 -12.08 -13.96
C ASP D 126 -37.23 -13.35 -13.36
N ILE D 127 -37.86 -14.49 -13.64
CA ILE D 127 -37.41 -15.76 -13.09
C ILE D 127 -36.63 -16.58 -14.12
N SER D 128 -36.11 -15.94 -15.16
CA SER D 128 -35.39 -16.67 -16.20
C SER D 128 -34.30 -17.54 -15.60
N GLY D 129 -34.22 -18.78 -16.08
CA GLY D 129 -33.29 -19.75 -15.54
C GLY D 129 -33.99 -21.01 -15.05
N ASN D 130 -33.30 -21.79 -14.22
CA ASN D 130 -33.93 -22.97 -13.65
C ASN D 130 -34.93 -22.56 -12.57
N VAL D 131 -36.09 -23.23 -12.56
CA VAL D 131 -37.12 -22.87 -11.59
C VAL D 131 -36.63 -23.06 -10.17
N ASP D 132 -35.63 -23.92 -9.96
CA ASP D 132 -35.10 -24.21 -8.64
C ASP D 132 -33.74 -23.55 -8.37
N SER D 133 -33.34 -22.55 -9.17
CA SER D 133 -32.08 -21.87 -8.88
C SER D 133 -32.00 -20.44 -9.40
N PHE D 134 -33.08 -19.86 -9.93
CA PHE D 134 -32.98 -18.54 -10.56
C PHE D 134 -32.60 -17.46 -9.56
N TRP D 135 -32.94 -17.63 -8.28
CA TRP D 135 -32.56 -16.63 -7.28
C TRP D 135 -31.10 -16.73 -6.89
N LEU D 136 -30.39 -17.75 -7.35
CA LEU D 136 -28.96 -17.92 -7.14
C LEU D 136 -28.12 -17.67 -8.38
N ASP D 137 -28.63 -17.99 -9.56
CA ASP D 137 -27.86 -17.78 -10.79
C ASP D 137 -28.75 -17.51 -12.00
N GLY D 138 -30.00 -17.11 -11.80
CA GLY D 138 -30.88 -16.73 -12.88
C GLY D 138 -30.94 -15.22 -13.08
N GLY D 139 -32.06 -14.76 -13.63
CA GLY D 139 -32.20 -13.40 -14.07
C GLY D 139 -32.92 -12.46 -13.12
N ILE D 140 -33.38 -12.94 -11.96
CA ILE D 140 -34.12 -12.09 -11.05
C ILE D 140 -33.17 -11.14 -10.35
N ARG D 141 -33.62 -9.91 -10.13
CA ARG D 141 -32.81 -8.87 -9.51
C ARG D 141 -33.68 -7.99 -8.64
N ILE D 142 -33.11 -7.51 -7.53
CA ILE D 142 -33.83 -6.68 -6.57
C ILE D 142 -32.84 -5.77 -5.87
N SER D 143 -33.24 -4.53 -5.63
CA SER D 143 -32.43 -3.57 -4.90
C SER D 143 -32.82 -3.55 -3.42
N ALA D 144 -31.95 -2.91 -2.61
CA ALA D 144 -32.23 -2.78 -1.18
C ALA D 144 -33.52 -1.99 -0.94
N THR D 145 -33.73 -0.91 -1.68
CA THR D 145 -34.97 -0.16 -1.49
C THR D 145 -36.19 -0.99 -1.88
N GLU D 146 -36.06 -1.83 -2.92
CA GLU D 146 -37.15 -2.70 -3.30
C GLU D 146 -37.40 -3.80 -2.26
N GLN D 147 -36.36 -4.28 -1.59
CA GLN D 147 -36.54 -5.21 -0.48
C GLN D 147 -37.37 -4.57 0.63
N ILE D 148 -37.07 -3.32 0.98
CA ILE D 148 -37.83 -2.63 2.02
C ILE D 148 -39.30 -2.51 1.61
N SER D 149 -39.56 -2.10 0.37
CA SER D 149 -40.94 -1.98 -0.11
C SER D 149 -41.68 -3.30 0.02
N PHE D 150 -41.03 -4.40 -0.37
CA PHE D 150 -41.65 -5.71 -0.24
C PHE D 150 -41.90 -6.05 1.22
N LEU D 151 -40.91 -5.82 2.08
CA LEU D 151 -41.07 -6.17 3.50
C LEU D 151 -42.16 -5.35 4.18
N ARG D 152 -42.34 -4.10 3.78
CA ARG D 152 -43.39 -3.28 4.39
C ARG D 152 -44.76 -3.88 4.12
N LYS D 153 -44.98 -4.40 2.91
CA LYS D 153 -46.24 -5.08 2.62
C LYS D 153 -46.40 -6.30 3.51
N LEU D 154 -45.34 -7.11 3.63
CA LEU D 154 -45.40 -8.28 4.48
C LEU D 154 -45.73 -7.88 5.91
N TYR D 155 -45.05 -6.87 6.43
CA TYR D 155 -45.28 -6.43 7.79
C TYR D 155 -46.75 -6.05 8.00
N HIS D 156 -47.35 -5.40 7.01
CA HIS D 156 -48.72 -4.94 7.12
C HIS D 156 -49.73 -5.96 6.60
N ASN D 157 -49.29 -7.17 6.28
CA ASN D 157 -50.16 -8.21 5.75
C ASN D 157 -50.85 -7.78 4.45
N LYS D 158 -50.15 -6.98 3.64
CA LYS D 158 -50.76 -6.45 2.42
C LYS D 158 -50.33 -7.20 1.16
N LEU D 159 -49.44 -8.18 1.25
CA LEU D 159 -49.14 -9.01 0.09
C LEU D 159 -50.36 -9.84 -0.30
N HIS D 160 -50.39 -10.24 -1.56
CA HIS D 160 -51.54 -10.94 -2.13
C HIS D 160 -51.48 -12.45 -1.91
N VAL D 161 -51.29 -12.81 -0.64
CA VAL D 161 -51.47 -14.16 -0.13
C VAL D 161 -52.26 -14.03 1.17
N SER D 162 -52.68 -15.16 1.74
CA SER D 162 -53.53 -15.12 2.92
C SER D 162 -52.79 -14.52 4.11
N GLU D 163 -53.58 -13.97 5.03
CA GLU D 163 -52.99 -13.45 6.28
C GLU D 163 -52.21 -14.54 6.99
N ARG D 164 -52.75 -15.76 7.03
CA ARG D 164 -52.09 -16.86 7.71
C ARG D 164 -50.68 -17.09 7.15
N SER D 165 -50.55 -17.15 5.83
CA SER D 165 -49.24 -17.38 5.23
C SER D 165 -48.27 -16.29 5.65
N GLN D 166 -48.72 -15.03 5.66
CA GLN D 166 -47.82 -13.94 6.02
C GLN D 166 -47.42 -14.02 7.48
N ARG D 167 -48.36 -14.39 8.36
CA ARG D 167 -48.04 -14.55 9.78
C ARG D 167 -47.01 -15.66 10.00
N ILE D 168 -47.16 -16.77 9.27
CA ILE D 168 -46.23 -17.89 9.46
C ILE D 168 -44.83 -17.49 9.03
N VAL D 169 -44.70 -16.80 7.89
CA VAL D 169 -43.36 -16.43 7.43
C VAL D 169 -42.73 -15.43 8.39
N LYS D 170 -43.51 -14.48 8.91
CA LYS D 170 -42.94 -13.53 9.86
C LYS D 170 -42.47 -14.23 11.13
N GLN D 171 -43.17 -15.30 11.54
CA GLN D 171 -42.68 -16.13 12.63
C GLN D 171 -41.34 -16.77 12.27
N ALA D 172 -41.26 -17.36 11.07
CA ALA D 172 -40.03 -18.03 10.64
C ALA D 172 -38.88 -17.05 10.48
N MET D 173 -39.17 -15.76 10.31
CA MET D 173 -38.11 -14.77 10.19
C MET D 173 -37.52 -14.34 11.53
N LEU D 174 -38.13 -14.74 12.64
CA LEU D 174 -37.68 -14.28 13.95
C LEU D 174 -36.21 -14.61 14.15
N THR D 175 -35.41 -13.58 14.43
CA THR D 175 -33.97 -13.71 14.54
C THR D 175 -33.46 -13.40 15.93
N GLU D 176 -33.99 -12.36 16.56
CA GLU D 176 -33.51 -11.94 17.88
C GLU D 176 -34.67 -11.25 18.57
N ALA D 177 -34.77 -11.47 19.89
CA ALA D 177 -35.78 -10.79 20.67
C ALA D 177 -35.27 -10.66 22.11
N ASN D 178 -35.42 -9.47 22.67
CA ASN D 178 -35.06 -9.19 24.04
C ASN D 178 -35.99 -8.08 24.54
N GLY D 179 -35.73 -7.60 25.75
CA GLY D 179 -36.57 -6.57 26.34
C GLY D 179 -36.56 -5.26 25.60
N ASP D 180 -35.62 -5.05 24.68
CA ASP D 180 -35.46 -3.77 23.99
C ASP D 180 -35.98 -3.78 22.56
N TYR D 181 -35.85 -4.88 21.84
CA TYR D 181 -36.27 -4.91 20.44
C TYR D 181 -36.45 -6.35 19.97
N ILE D 182 -37.14 -6.47 18.85
CA ILE D 182 -37.29 -7.72 18.12
C ILE D 182 -36.80 -7.48 16.70
N ILE D 183 -36.01 -8.43 16.19
CA ILE D 183 -35.55 -8.40 14.81
C ILE D 183 -36.14 -9.61 14.09
N ARG D 184 -36.83 -9.34 12.98
CA ARG D 184 -37.22 -10.35 12.02
C ARG D 184 -36.48 -10.01 10.74
N ALA D 185 -35.77 -10.99 10.18
CA ALA D 185 -34.80 -10.71 9.12
C ALA D 185 -34.41 -12.01 8.42
N LYS D 186 -33.68 -11.86 7.31
CA LYS D 186 -33.15 -13.00 6.56
C LYS D 186 -31.83 -12.62 5.92
N THR D 187 -30.84 -13.49 6.06
CA THR D 187 -29.53 -13.28 5.44
C THR D 187 -29.50 -13.81 4.01
N GLY D 188 -28.52 -13.34 3.27
CA GLY D 188 -28.28 -13.83 1.92
C GLY D 188 -26.81 -13.81 1.61
N TYR D 189 -26.40 -14.74 0.74
CA TYR D 189 -25.00 -14.86 0.35
C TYR D 189 -25.00 -15.32 -1.10
N SER D 190 -24.61 -14.43 -2.01
CA SER D 190 -24.66 -14.68 -3.44
C SER D 190 -23.25 -14.90 -3.96
N THR D 191 -22.99 -16.12 -4.45
CA THR D 191 -21.66 -16.51 -4.88
C THR D 191 -21.59 -17.06 -6.29
N ARG D 192 -22.71 -17.41 -6.91
CA ARG D 192 -22.63 -18.11 -8.20
C ARG D 192 -22.36 -17.18 -9.37
N ILE D 193 -22.68 -15.90 -9.24
CA ILE D 193 -22.49 -14.91 -10.29
C ILE D 193 -21.87 -13.66 -9.67
N GLU D 194 -20.85 -13.11 -10.30
CA GLU D 194 -20.23 -11.90 -9.80
C GLU D 194 -21.20 -10.73 -9.90
N PRO D 195 -21.12 -9.75 -8.99
CA PRO D 195 -20.20 -9.70 -7.84
C PRO D 195 -20.71 -10.50 -6.64
N LYS D 196 -19.80 -11.13 -5.90
CA LYS D 196 -20.22 -11.85 -4.71
C LYS D 196 -20.62 -10.85 -3.63
N ILE D 197 -21.82 -11.01 -3.06
CA ILE D 197 -22.32 -10.06 -2.08
C ILE D 197 -22.98 -10.81 -0.93
N GLY D 198 -23.17 -10.11 0.17
CA GLY D 198 -23.99 -10.58 1.26
C GLY D 198 -25.18 -9.66 1.46
N TRP D 199 -26.27 -10.24 1.91
CA TRP D 199 -27.50 -9.51 2.20
C TRP D 199 -27.83 -9.64 3.68
N TRP D 200 -28.55 -8.65 4.21
CA TRP D 200 -29.35 -8.82 5.42
C TRP D 200 -30.51 -7.86 5.34
N VAL D 201 -31.73 -8.38 5.35
CA VAL D 201 -32.94 -7.56 5.19
C VAL D 201 -33.95 -7.98 6.22
N GLY D 202 -34.71 -7.01 6.72
CA GLY D 202 -35.74 -7.28 7.71
C GLY D 202 -36.23 -6.01 8.34
N TRP D 203 -36.61 -6.10 9.61
CA TRP D 203 -37.05 -4.93 10.34
C TRP D 203 -36.80 -5.11 11.83
N VAL D 204 -36.78 -3.98 12.52
CA VAL D 204 -36.56 -3.90 13.96
C VAL D 204 -37.85 -3.37 14.58
N GLU D 205 -38.44 -4.16 15.48
CA GLU D 205 -39.67 -3.78 16.15
C GLU D 205 -39.34 -3.14 17.49
N LEU D 206 -39.82 -1.92 17.69
CA LEU D 206 -39.76 -1.22 18.96
C LEU D 206 -41.15 -1.09 19.56
N ASP D 207 -41.20 -0.57 20.79
CA ASP D 207 -42.47 -0.40 21.47
C ASP D 207 -43.44 0.44 20.63
N ASP D 208 -42.94 1.53 20.03
CA ASP D 208 -43.80 2.52 19.39
C ASP D 208 -43.37 2.84 17.96
N ASN D 209 -42.56 2.00 17.32
CA ASN D 209 -42.14 2.26 15.95
C ASN D 209 -41.52 0.99 15.39
N VAL D 210 -41.34 0.98 14.07
CA VAL D 210 -40.68 -0.09 13.35
C VAL D 210 -39.69 0.52 12.37
N TRP D 211 -38.46 0.01 12.37
CA TRP D 211 -37.42 0.43 11.45
C TRP D 211 -37.14 -0.72 10.48
N PHE D 212 -37.46 -0.53 9.21
CA PHE D 212 -37.11 -1.50 8.19
C PHE D 212 -35.67 -1.25 7.74
N PHE D 213 -34.97 -2.33 7.39
CA PHE D 213 -33.60 -2.21 6.94
C PHE D 213 -33.31 -3.20 5.84
N ALA D 214 -32.39 -2.81 4.96
CA ALA D 214 -31.89 -3.71 3.92
C ALA D 214 -30.44 -3.33 3.64
N MET D 215 -29.53 -4.30 3.76
CA MET D 215 -28.12 -4.05 3.54
C MET D 215 -27.55 -5.10 2.60
N ASN D 216 -26.59 -4.67 1.78
CA ASN D 216 -25.73 -5.60 1.08
C ASN D 216 -24.33 -5.02 1.03
N MET D 217 -23.36 -5.92 0.84
CA MET D 217 -21.95 -5.56 0.88
C MET D 217 -21.17 -6.56 0.03
N ASP D 218 -20.04 -6.11 -0.52
CA ASP D 218 -19.17 -7.02 -1.26
C ASP D 218 -18.64 -8.11 -0.32
N MET D 219 -18.61 -9.34 -0.82
CA MET D 219 -18.27 -10.52 -0.02
C MET D 219 -17.33 -11.41 -0.82
N PRO D 220 -16.07 -10.98 -0.98
CA PRO D 220 -15.13 -11.81 -1.75
C PRO D 220 -14.87 -13.18 -1.14
N THR D 221 -14.99 -13.31 0.18
CA THR D 221 -14.75 -14.59 0.85
C THR D 221 -15.77 -14.75 1.96
N SER D 222 -15.99 -15.99 2.38
CA SER D 222 -16.93 -16.31 3.44
C SER D 222 -16.49 -15.81 4.81
N ASP D 223 -15.26 -15.29 4.94
CA ASP D 223 -14.77 -14.87 6.24
C ASP D 223 -15.47 -13.62 6.76
N GLY D 224 -16.09 -12.84 5.87
CA GLY D 224 -16.73 -11.60 6.26
C GLY D 224 -18.23 -11.67 6.44
N LEU D 225 -18.81 -12.87 6.51
CA LEU D 225 -20.26 -12.98 6.58
C LEU D 225 -20.83 -12.35 7.84
N GLY D 226 -20.10 -12.43 8.95
CA GLY D 226 -20.57 -11.82 10.19
C GLY D 226 -20.70 -10.33 10.13
N LEU D 227 -20.08 -9.69 9.14
CA LEU D 227 -20.17 -8.24 9.02
C LEU D 227 -21.55 -7.78 8.57
N ARG D 228 -22.32 -8.66 7.90
CA ARG D 228 -23.67 -8.28 7.49
C ARG D 228 -24.48 -7.79 8.68
N GLN D 229 -24.48 -8.56 9.76
CA GLN D 229 -25.21 -8.16 10.96
C GLN D 229 -24.42 -7.12 11.78
N ALA D 230 -23.10 -7.29 11.87
CA ALA D 230 -22.31 -6.40 12.72
C ALA D 230 -22.35 -4.96 12.23
N ILE D 231 -22.17 -4.76 10.92
CA ILE D 231 -22.19 -3.40 10.38
C ILE D 231 -23.59 -2.79 10.54
N THR D 232 -24.63 -3.56 10.21
CA THR D 232 -25.99 -3.06 10.38
C THR D 232 -26.23 -2.61 11.81
N LYS D 233 -25.78 -3.39 12.79
CA LYS D 233 -26.02 -3.05 14.19
C LYS D 233 -25.21 -1.85 14.63
N GLU D 234 -24.04 -1.63 14.04
CA GLU D 234 -23.29 -0.41 14.33
C GLU D 234 -24.03 0.82 13.85
N VAL D 235 -24.67 0.73 12.68
CA VAL D 235 -25.51 1.82 12.19
C VAL D 235 -26.71 2.01 13.11
N LEU D 236 -27.38 0.92 13.47
CA LEU D 236 -28.54 1.04 14.35
C LEU D 236 -28.18 1.69 15.67
N LYS D 237 -27.03 1.31 16.24
CA LYS D 237 -26.58 1.91 17.49
C LYS D 237 -26.22 3.38 17.30
N GLN D 238 -25.54 3.71 16.21
CA GLN D 238 -25.18 5.10 15.95
C GLN D 238 -26.42 5.98 15.88
N GLU D 239 -27.49 5.48 15.27
CA GLU D 239 -28.73 6.22 15.14
C GLU D 239 -29.64 6.08 16.36
N LYS D 240 -29.14 5.47 17.44
CA LYS D 240 -29.90 5.35 18.69
C LYS D 240 -31.24 4.67 18.46
N ILE D 241 -31.27 3.70 17.56
CA ILE D 241 -32.44 2.85 17.39
C ILE D 241 -32.39 1.64 18.32
N ILE D 242 -31.19 1.08 18.53
CA ILE D 242 -30.99 0.05 19.55
C ILE D 242 -29.87 0.53 20.46
N PRO D 243 -29.82 0.09 21.73
CA PRO D 243 -28.73 0.54 22.61
C PRO D 243 -27.40 -0.11 22.25
C Q4G E . 9.94 -8.55 -17.06
O Q4G E . 9.58 -8.10 -18.18
C1 Q4G E . 9.79 -7.64 -15.86
C10 Q4G E . 9.47 -5.97 -13.66
C11 Q4G E . 10.04 -7.21 -13.51
C12 Q4G E . 10.20 -8.05 -14.60
C2 Q4G E . 9.21 -6.38 -16.00
C3 Q4G E . 9.03 -5.53 -14.92
C4 Q4G E . 8.37 -4.22 -15.08
C5 Q4G E . 7.09 -4.12 -15.62
C6 Q4G E . 6.47 -2.88 -15.74
C7 Q4G E . 7.11 -1.73 -15.32
C8 Q4G E . 8.37 -1.85 -14.81
C9 Q4G E . 9.02 -3.04 -14.67
F Q4G E . 9.01 -0.71 -14.42
O1 Q4G E . 10.42 -9.69 -16.87
H5 Q4G E . 9.35 -5.31 -12.80
H6 Q4G E . 10.38 -7.54 -12.52
H7 Q4G E . 10.66 -9.04 -14.48
H Q4G E . 8.89 -6.08 -17.00
H1 Q4G E . 6.58 -5.01 -15.95
H2 Q4G E . 5.47 -2.83 -16.16
H3 Q4G E . 6.62 -0.76 -15.41
H4 Q4G E . 10.02 -3.10 -14.27
CL CL F . 21.03 -26.05 -16.66
C Q4G G . 4.36 18.79 -14.10
O Q4G G . 4.08 19.89 -14.64
C1 Q4G G . 5.38 17.91 -14.78
C10 Q4G G . 7.23 16.27 -16.05
C11 Q4G G . 7.47 17.62 -15.92
C12 Q4G G . 6.56 18.44 -15.30
C2 Q4G G . 5.14 16.54 -14.92
C3 Q4G G . 6.05 15.70 -15.56
C4 Q4G G . 5.73 14.27 -15.76
C5 Q4G G . 4.49 13.86 -16.25
C6 Q4G G . 4.22 12.53 -16.48
C7 Q4G G . 5.18 11.57 -16.23
C8 Q4G G . 6.39 11.98 -15.75
C9 Q4G G . 6.69 13.29 -15.51
F Q4G G . 7.34 11.04 -15.49
O1 Q4G G . 3.85 18.37 -13.03
H5 Q4G G . 7.95 15.63 -16.55
H6 Q4G G . 8.39 18.03 -16.32
H7 Q4G G . 6.74 19.51 -15.19
H Q4G G . 4.22 16.13 -14.50
H1 Q4G G . 3.72 14.61 -16.44
H2 Q4G G . 3.24 12.23 -16.86
H3 Q4G G . 4.97 10.51 -16.42
H4 Q4G G . 7.67 13.58 -15.12
CL CL H . 7.86 38.45 -8.46
C1 EDO I . 20.06 19.62 -20.57
O1 EDO I . 20.54 19.78 -19.23
C2 EDO I . 18.56 19.29 -20.58
O2 EDO I . 17.74 20.47 -20.62
H11 EDO I . 20.23 20.53 -21.13
H12 EDO I . 20.60 18.81 -21.06
HO1 EDO I . 21.48 19.99 -19.25
H21 EDO I . 18.34 18.66 -21.45
H22 EDO I . 18.31 18.71 -19.69
HO2 EDO I . 16.81 20.22 -20.63
C Q4G J . 14.47 -7.55 25.80
O Q4G J . 14.55 -6.52 25.09
C1 Q4G J . 14.79 -8.87 25.14
C10 Q4G J . 15.37 -11.29 23.89
C11 Q4G J . 14.23 -11.16 24.67
C12 Q4G J . 13.94 -9.96 25.28
C2 Q4G J . 15.93 -9.01 24.36
C3 Q4G J . 16.25 -10.21 23.74
C4 Q4G J . 17.50 -10.37 22.96
C5 Q4G J . 18.74 -10.08 23.53
C6 Q4G J . 19.91 -10.26 22.80
C7 Q4G J . 19.86 -10.71 21.50
C8 Q4G J . 18.64 -10.98 20.95
C9 Q4G J . 17.47 -10.81 21.64
F Q4G J . 18.58 -11.40 19.67
O1 Q4G J . 14.15 -7.57 27.00
H5 Q4G J . 15.58 -12.24 23.40
H6 Q4G J . 13.56 -12.01 24.77
H7 Q4G J . 13.04 -9.85 25.89
H Q4G J . 16.60 -8.15 24.26
H1 Q4G J . 18.79 -9.73 24.55
H2 Q4G J . 20.87 -10.04 23.27
H3 Q4G J . 20.78 -10.85 20.92
H4 Q4G J . 16.51 -11.02 21.17
C1 EDO K . -0.04 12.30 20.38
O1 EDO K . 1.11 12.48 19.54
C2 EDO K . -1.28 12.73 19.62
O2 EDO K . -2.37 11.87 19.98
H11 EDO K . -0.12 11.25 20.67
H12 EDO K . 0.07 12.90 21.28
HO1 EDO K . 1.90 12.21 20.02
H21 EDO K . -1.54 13.76 19.86
H22 EDO K . -1.11 12.66 18.55
HO2 EDO K . -3.17 12.13 19.51
C Q4G L . -25.79 -17.44 6.58
O Q4G L . -25.50 -16.45 5.87
C1 Q4G L . -25.32 -18.80 6.14
C10 Q4G L . -24.47 -21.28 5.22
C11 Q4G L . -25.67 -21.16 5.90
C12 Q4G L . -26.10 -19.93 6.36
C2 Q4G L . -24.11 -18.93 5.45
C3 Q4G L . -23.66 -20.17 5.00
C4 Q4G L . -22.36 -20.29 4.30
C5 Q4G L . -21.16 -20.19 4.99
C6 Q4G L . -19.95 -20.35 4.34
C7 Q4G L . -19.91 -20.59 2.98
C8 Q4G L . -21.10 -20.69 2.31
C9 Q4G L . -22.32 -20.54 2.92
F Q4G L . -21.08 -20.95 0.98
O1 Q4G L . -26.46 -17.37 7.65
H5 Q4G L . -24.16 -22.26 4.86
H6 Q4G L . -26.28 -22.05 6.08
H7 Q4G L . -27.04 -19.83 6.90
H Q4G L . -23.51 -18.04 5.30
H1 Q4G L . -21.18 -20.00 6.06
H2 Q4G L . -19.02 -20.26 4.90
H3 Q4G L . -18.96 -20.71 2.46
H4 Q4G L . -23.24 -20.63 2.36
#